data_3ER6
#
_entry.id   3ER6
#
_cell.length_a   105.268
_cell.length_b   105.268
_cell.length_c   101.745
_cell.angle_alpha   90.000
_cell.angle_beta   90.000
_cell.angle_gamma   120.000
#
_symmetry.space_group_name_H-M   'P 31'
#
loop_
_entity.id
_entity.type
_entity.pdbx_description
1 polymer 'Putative transcriptional regulator protein'
2 water water
#
_entity_poly.entity_id   1
_entity_poly.type   'polypeptide(L)'
_entity_poly.pdbx_seq_one_letter_code
;MSLTNKKNLRVVALAPTGRYFASIISSLEILETAAEFAEFQGFMTHVVTPNNRPLIGRGGISVQPTAQWQSFDFTNILII
GSIGDPLESLDKIDPALFDWIRELHLKGSKIVAIDTGIFVVAKAGLLQQNKAVMHSYFAHLFGELFPEIMLMTEQKALID
GNVYLSSGPYSHSSVMLEIVEEYFGKHTRNLGNQFLSTIESEGHHHHHH
;
_entity_poly.pdbx_strand_id   A,B,C,D,E,F
#
# COMPACT_ATOMS: atom_id res chain seq x y z
N LYS A 7 31.38 -22.22 -22.28
CA LYS A 7 32.72 -22.69 -21.77
C LYS A 7 32.96 -22.32 -20.30
N ASN A 8 32.73 -21.05 -19.98
CA ASN A 8 32.89 -20.55 -18.61
C ASN A 8 31.73 -19.62 -18.27
N LEU A 9 31.35 -19.59 -16.98
CA LEU A 9 30.28 -18.72 -16.51
C LEU A 9 30.75 -18.17 -15.19
N ARG A 10 30.51 -16.90 -14.98
CA ARG A 10 30.92 -16.25 -13.76
C ARG A 10 29.73 -15.68 -13.00
N VAL A 11 29.66 -15.99 -11.70
CA VAL A 11 28.68 -15.33 -10.84
C VAL A 11 29.43 -14.49 -9.81
N VAL A 12 29.08 -13.21 -9.72
CA VAL A 12 29.63 -12.38 -8.61
C VAL A 12 28.43 -12.11 -7.67
N ALA A 13 28.63 -12.37 -6.37
CA ALA A 13 27.56 -12.18 -5.40
C ALA A 13 27.97 -11.13 -4.37
N LEU A 14 27.36 -9.96 -4.46
CA LEU A 14 27.60 -8.89 -3.53
C LEU A 14 26.73 -9.08 -2.29
N ALA A 15 27.40 -9.19 -1.12
CA ALA A 15 26.73 -9.38 0.18
C ALA A 15 26.92 -8.10 0.96
N PRO A 16 25.91 -7.23 0.95
CA PRO A 16 26.10 -5.96 1.58
C PRO A 16 26.24 -5.95 3.13
N THR A 17 25.72 -6.94 3.83
CA THR A 17 25.75 -6.94 5.29
C THR A 17 25.79 -8.34 5.90
N GLY A 18 26.62 -8.53 6.94
CA GLY A 18 26.66 -9.80 7.62
C GLY A 18 25.43 -10.04 8.50
N ARG A 19 24.59 -9.04 8.67
CA ARG A 19 23.32 -9.26 9.36
C ARG A 19 22.37 -10.17 8.58
N TYR A 20 22.50 -10.17 7.25
CA TYR A 20 21.60 -10.90 6.38
C TYR A 20 22.36 -11.32 5.15
N PHE A 21 23.24 -12.30 5.31
CA PHE A 21 23.97 -12.79 4.12
C PHE A 21 23.64 -14.23 3.77
N ALA A 22 22.87 -14.92 4.63
CA ALA A 22 22.56 -16.36 4.34
C ALA A 22 21.96 -16.57 2.97
N SER A 23 21.06 -15.69 2.54
CA SER A 23 20.45 -15.92 1.21
C SER A 23 21.43 -15.80 0.02
N ILE A 24 22.48 -15.01 0.18
CA ILE A 24 23.55 -14.99 -0.83
C ILE A 24 24.20 -16.38 -0.88
N ILE A 25 24.53 -16.91 0.30
CA ILE A 25 25.23 -18.22 0.38
C ILE A 25 24.27 -19.32 -0.16
N SER A 26 22.98 -19.31 0.22
CA SER A 26 22.09 -20.37 -0.28
C SER A 26 21.97 -20.30 -1.82
N SER A 27 21.99 -19.10 -2.39
CA SER A 27 21.85 -18.93 -3.82
C SER A 27 23.05 -19.56 -4.50
N LEU A 28 24.25 -19.33 -3.97
CA LEU A 28 25.43 -19.98 -4.54
C LEU A 28 25.42 -21.49 -4.37
N GLU A 29 24.98 -21.97 -3.21
CA GLU A 29 24.90 -23.42 -3.03
C GLU A 29 23.98 -23.98 -4.07
N ILE A 30 22.84 -23.31 -4.36
CA ILE A 30 21.91 -23.87 -5.36
C ILE A 30 22.56 -23.80 -6.74
N LEU A 31 23.03 -22.61 -7.14
CA LEU A 31 23.69 -22.51 -8.45
C LEU A 31 24.84 -23.51 -8.67
N GLU A 32 25.77 -23.65 -7.70
CA GLU A 32 26.88 -24.63 -7.89
C GLU A 32 26.40 -26.10 -7.94
N THR A 33 25.44 -26.43 -7.07
CA THR A 33 24.83 -27.76 -7.11
C THR A 33 24.26 -28.09 -8.50
N ALA A 34 23.55 -27.15 -9.09
CA ALA A 34 22.99 -27.34 -10.45
C ALA A 34 24.10 -27.46 -11.51
N ALA A 35 25.15 -26.66 -11.37
CA ALA A 35 26.30 -26.80 -12.28
C ALA A 35 26.90 -28.23 -12.18
N GLU A 36 26.93 -28.80 -10.97
CA GLU A 36 27.35 -30.20 -10.81
CA GLU A 36 27.35 -30.18 -10.76
C GLU A 36 26.35 -31.15 -11.47
N PHE A 37 25.05 -30.93 -11.30
CA PHE A 37 24.09 -31.77 -12.03
C PHE A 37 24.27 -31.68 -13.55
N ALA A 38 24.66 -30.51 -14.04
CA ALA A 38 24.86 -30.30 -15.48
C ALA A 38 26.22 -30.83 -15.95
N GLU A 39 27.02 -31.31 -15.01
CA GLU A 39 28.41 -31.67 -15.24
C GLU A 39 29.16 -30.58 -15.99
N PHE A 40 28.93 -29.35 -15.55
CA PHE A 40 29.57 -28.20 -16.17
C PHE A 40 30.81 -27.81 -15.39
N GLN A 41 31.91 -27.66 -16.10
CA GLN A 41 33.20 -27.52 -15.46
C GLN A 41 33.71 -26.08 -15.34
N GLY A 42 33.11 -25.13 -16.04
CA GLY A 42 33.69 -23.78 -16.00
C GLY A 42 32.90 -22.74 -15.23
N PHE A 43 32.30 -23.19 -14.13
CA PHE A 43 31.39 -22.33 -13.39
C PHE A 43 32.19 -21.75 -12.23
N MET A 44 32.27 -20.42 -12.15
CA MET A 44 33.04 -19.77 -11.09
C MET A 44 32.21 -18.74 -10.35
N THR A 45 32.20 -18.84 -9.03
CA THR A 45 31.44 -17.87 -8.22
C THR A 45 32.35 -17.10 -7.24
N HIS A 46 31.96 -15.88 -6.90
CA HIS A 46 32.77 -15.05 -5.99
C HIS A 46 31.88 -14.25 -5.09
N VAL A 47 32.04 -14.40 -3.78
CA VAL A 47 31.43 -13.44 -2.85
C VAL A 47 32.31 -12.19 -2.72
N VAL A 48 31.69 -11.03 -2.83
CA VAL A 48 32.34 -9.73 -2.60
C VAL A 48 31.54 -8.88 -1.63
N THR A 49 32.23 -7.99 -0.91
CA THR A 49 31.58 -7.15 0.07
C THR A 49 31.81 -5.70 -0.33
N PRO A 50 30.91 -4.82 0.09
CA PRO A 50 30.93 -3.45 -0.42
C PRO A 50 32.25 -2.69 -0.22
N ASN A 51 32.94 -2.95 0.88
CA ASN A 51 34.23 -2.30 1.17
C ASN A 51 35.35 -3.34 1.08
N ASN A 52 35.05 -4.51 0.52
CA ASN A 52 36.02 -5.62 0.44
C ASN A 52 36.58 -6.02 1.82
N ARG A 53 35.85 -5.69 2.89
CA ARG A 53 36.24 -6.16 4.25
C ARG A 53 35.45 -7.42 4.60
N PRO A 54 35.86 -8.16 5.64
CA PRO A 54 35.10 -9.31 6.13
C PRO A 54 33.67 -8.90 6.56
N LEU A 55 32.73 -9.82 6.41
CA LEU A 55 31.41 -9.58 6.94
C LEU A 55 31.51 -10.06 8.35
N ILE A 56 30.76 -9.43 9.22
CA ILE A 56 30.58 -9.95 10.59
C ILE A 56 29.18 -10.59 10.63
N GLY A 57 29.12 -11.92 10.72
CA GLY A 57 27.86 -12.66 10.62
C GLY A 57 27.35 -12.93 12.03
N ARG A 58 26.17 -13.53 12.11
CA ARG A 58 25.61 -13.87 13.39
C ARG A 58 26.31 -15.08 13.97
N GLY A 59 26.17 -15.26 15.27
CA GLY A 59 26.80 -16.40 15.95
C GLY A 59 28.32 -16.25 16.07
N GLY A 60 28.82 -15.01 16.05
CA GLY A 60 30.23 -14.69 16.24
C GLY A 60 31.15 -15.18 15.14
N ILE A 61 30.72 -15.11 13.89
CA ILE A 61 31.60 -15.49 12.79
C ILE A 61 32.10 -14.30 12.00
N SER A 62 33.27 -14.51 11.37
CA SER A 62 33.82 -13.54 10.45
C SER A 62 33.85 -14.29 9.12
N VAL A 63 33.50 -13.59 8.04
CA VAL A 63 33.49 -14.14 6.68
C VAL A 63 34.46 -13.37 5.74
N GLN A 64 35.56 -14.01 5.41
CA GLN A 64 36.61 -13.33 4.68
C GLN A 64 36.57 -13.70 3.17
N PRO A 65 36.29 -12.68 2.32
CA PRO A 65 36.32 -12.95 0.85
C PRO A 65 37.71 -13.08 0.28
N THR A 66 37.82 -13.54 -0.96
CA THR A 66 39.11 -13.61 -1.58
C THR A 66 39.11 -12.94 -2.96
N ALA A 67 38.17 -12.03 -3.19
CA ALA A 67 38.21 -11.19 -4.37
C ALA A 67 37.61 -9.85 -3.98
N GLN A 68 38.04 -8.79 -4.68
CA GLN A 68 37.46 -7.42 -4.55
C GLN A 68 36.47 -7.18 -5.69
N TRP A 69 35.37 -6.48 -5.40
CA TRP A 69 34.37 -6.21 -6.44
C TRP A 69 34.97 -5.45 -7.64
N GLN A 70 35.95 -4.60 -7.35
CA GLN A 70 36.62 -3.80 -8.40
C GLN A 70 37.41 -4.67 -9.39
N SER A 71 37.75 -5.91 -9.04
CA SER A 71 38.43 -6.78 -10.01
C SER A 71 37.53 -7.34 -11.10
N PHE A 72 36.22 -7.09 -11.04
CA PHE A 72 35.30 -7.66 -12.00
C PHE A 72 34.77 -6.60 -12.96
N ASP A 73 35.27 -6.60 -14.19
CA ASP A 73 34.72 -5.72 -15.23
C ASP A 73 33.56 -6.33 -15.93
N PHE A 74 33.51 -7.67 -15.90
CA PHE A 74 32.48 -8.47 -16.59
C PHE A 74 31.96 -9.55 -15.65
N THR A 75 30.69 -9.92 -15.78
CA THR A 75 30.17 -11.15 -15.14
C THR A 75 28.89 -11.53 -15.88
N ASN A 76 28.55 -12.82 -15.90
CA ASN A 76 27.32 -13.28 -16.54
C ASN A 76 26.17 -12.92 -15.63
N ILE A 77 26.35 -13.22 -14.33
CA ILE A 77 25.31 -12.94 -13.31
C ILE A 77 25.91 -12.12 -12.17
N LEU A 78 25.15 -11.10 -11.71
CA LEU A 78 25.48 -10.40 -10.47
C LEU A 78 24.33 -10.63 -9.51
N ILE A 79 24.60 -11.15 -8.30
CA ILE A 79 23.56 -11.21 -7.26
C ILE A 79 23.79 -10.08 -6.27
N ILE A 80 22.73 -9.34 -5.99
CA ILE A 80 22.79 -8.32 -4.98
C ILE A 80 21.98 -8.81 -3.82
N GLY A 81 22.67 -9.13 -2.72
CA GLY A 81 21.94 -9.62 -1.53
C GLY A 81 21.24 -8.55 -0.68
N SER A 82 20.73 -8.98 0.49
CA SER A 82 20.07 -8.13 1.47
C SER A 82 20.90 -6.95 1.92
N ILE A 83 20.22 -5.81 2.11
CA ILE A 83 20.87 -4.68 2.74
C ILE A 83 20.37 -4.48 4.14
N GLY A 84 19.60 -5.44 4.64
CA GLY A 84 18.91 -5.29 5.94
C GLY A 84 17.86 -4.17 5.87
N ASP A 85 17.80 -3.32 6.86
CA ASP A 85 16.83 -2.25 6.87
C ASP A 85 17.32 -1.13 5.98
N PRO A 86 16.60 -0.91 4.88
CA PRO A 86 17.06 0.08 3.89
C PRO A 86 17.16 1.48 4.48
N LEU A 87 16.36 1.74 5.50
CA LEU A 87 16.30 3.09 6.06
C LEU A 87 17.64 3.34 6.70
N GLU A 88 18.23 2.28 7.24
CA GLU A 88 19.56 2.29 7.83
C GLU A 88 20.66 2.41 6.75
N SER A 89 20.56 1.57 5.72
CA SER A 89 21.75 1.28 4.91
C SER A 89 21.77 1.90 3.55
N LEU A 90 20.61 2.12 2.99
CA LEU A 90 20.55 2.36 1.51
C LEU A 90 21.41 3.57 1.12
N ASP A 91 21.34 4.63 1.95
CA ASP A 91 22.00 5.89 1.64
C ASP A 91 23.47 5.84 1.96
N LYS A 92 23.90 4.79 2.64
CA LYS A 92 25.29 4.65 3.04
C LYS A 92 26.11 3.84 2.02
N ILE A 93 25.45 3.32 0.99
CA ILE A 93 26.15 2.49 0.02
C ILE A 93 27.08 3.35 -0.84
N ASP A 94 28.32 2.90 -0.98
CA ASP A 94 29.31 3.60 -1.80
C ASP A 94 28.73 3.92 -3.19
N PRO A 95 28.74 5.20 -3.58
CA PRO A 95 28.30 5.55 -4.95
C PRO A 95 29.04 4.83 -6.07
N ALA A 96 30.32 4.58 -5.89
CA ALA A 96 31.09 3.84 -6.88
C ALA A 96 30.54 2.43 -7.09
N LEU A 97 29.92 1.89 -6.03
CA LEU A 97 29.32 0.55 -6.12
C LEU A 97 28.01 0.66 -6.93
N PHE A 98 27.21 1.71 -6.71
CA PHE A 98 26.08 1.97 -7.63
C PHE A 98 26.55 2.13 -9.06
N ASP A 99 27.69 2.80 -9.30
CA ASP A 99 28.16 2.98 -10.66
C ASP A 99 28.49 1.61 -11.24
N TRP A 100 29.12 0.76 -10.44
CA TRP A 100 29.53 -0.58 -10.90
C TRP A 100 28.31 -1.47 -11.29
N ILE A 101 27.24 -1.44 -10.48
CA ILE A 101 26.02 -2.17 -10.78
C ILE A 101 25.34 -1.62 -12.04
N ARG A 102 25.28 -0.29 -12.09
CA ARG A 102 24.67 0.38 -13.25
C ARG A 102 25.41 -0.08 -14.50
N GLU A 103 26.74 -0.07 -14.46
CA GLU A 103 27.49 -0.41 -15.66
C GLU A 103 27.34 -1.84 -16.05
N LEU A 104 27.46 -2.73 -15.09
CA LEU A 104 27.31 -4.15 -15.38
C LEU A 104 25.95 -4.38 -16.04
N HIS A 105 24.91 -3.74 -15.52
CA HIS A 105 23.59 -3.87 -16.14
C HIS A 105 23.55 -3.35 -17.59
N LEU A 106 24.09 -2.15 -17.81
CA LEU A 106 24.22 -1.59 -19.16
C LEU A 106 25.00 -2.53 -20.07
N LYS A 107 26.00 -3.22 -19.55
CA LYS A 107 26.76 -4.16 -20.38
C LYS A 107 26.08 -5.53 -20.62
N GLY A 108 24.93 -5.78 -20.01
CA GLY A 108 24.21 -7.02 -20.28
C GLY A 108 24.31 -8.14 -19.24
N SER A 109 24.95 -7.87 -18.11
CA SER A 109 24.97 -8.84 -16.99
C SER A 109 23.54 -9.16 -16.58
N LYS A 110 23.21 -10.41 -16.23
CA LYS A 110 21.96 -10.61 -15.51
C LYS A 110 22.10 -10.06 -14.10
N ILE A 111 21.08 -9.32 -13.60
CA ILE A 111 21.12 -8.72 -12.27
C ILE A 111 20.03 -9.39 -11.43
N VAL A 112 20.45 -10.07 -10.36
CA VAL A 112 19.50 -10.84 -9.55
C VAL A 112 19.50 -10.18 -8.18
N ALA A 113 18.37 -9.66 -7.75
CA ALA A 113 18.29 -8.91 -6.51
C ALA A 113 17.35 -9.67 -5.60
N ILE A 114 17.80 -9.96 -4.38
CA ILE A 114 17.07 -10.79 -3.43
C ILE A 114 16.83 -10.03 -2.14
N ASP A 115 15.62 -10.16 -1.53
CA ASP A 115 15.34 -9.54 -0.27
C ASP A 115 15.50 -8.03 -0.52
N THR A 116 15.96 -7.28 0.47
CA THR A 116 16.12 -5.80 0.31
C THR A 116 17.17 -5.35 -0.73
N GLY A 117 17.96 -6.27 -1.26
CA GLY A 117 18.74 -6.01 -2.51
C GLY A 117 17.83 -5.42 -3.58
N ILE A 118 16.53 -5.72 -3.50
CA ILE A 118 15.58 -5.09 -4.45
C ILE A 118 15.56 -3.54 -4.36
N PHE A 119 15.76 -3.00 -3.16
CA PHE A 119 15.81 -1.56 -2.95
C PHE A 119 17.01 -0.98 -3.72
N VAL A 120 18.12 -1.74 -3.79
CA VAL A 120 19.30 -1.30 -4.53
C VAL A 120 19.02 -1.20 -6.05
N VAL A 121 18.40 -2.24 -6.61
CA VAL A 121 18.09 -2.15 -8.06
C VAL A 121 16.99 -1.03 -8.31
N ALA A 122 16.05 -0.85 -7.38
CA ALA A 122 15.07 0.27 -7.52
C ALA A 122 15.79 1.59 -7.59
N LYS A 123 16.61 1.87 -6.58
CA LYS A 123 17.40 3.09 -6.53
C LYS A 123 18.26 3.30 -7.80
N ALA A 124 18.85 2.24 -8.31
CA ALA A 124 19.71 2.34 -9.45
C ALA A 124 18.94 2.50 -10.78
N GLY A 125 17.60 2.43 -10.78
CA GLY A 125 16.84 2.58 -12.02
C GLY A 125 16.94 1.43 -13.00
N LEU A 126 17.32 0.24 -12.54
CA LEU A 126 17.49 -0.91 -13.47
C LEU A 126 16.19 -1.47 -14.06
N LEU A 127 15.08 -1.24 -13.39
CA LEU A 127 13.80 -1.77 -13.82
C LEU A 127 13.26 -0.94 -14.99
N GLN A 128 13.19 -1.55 -16.18
CA GLN A 128 12.73 -0.85 -17.37
C GLN A 128 11.23 -0.48 -17.28
N GLN A 129 10.45 -1.30 -16.60
CA GLN A 129 8.99 -1.13 -16.52
C GLN A 129 8.50 -0.55 -15.21
N ASN A 130 9.44 -0.25 -14.33
CA ASN A 130 9.06 0.28 -13.05
C ASN A 130 7.98 -0.57 -12.33
N LYS A 131 8.13 -1.88 -12.35
CA LYS A 131 7.33 -2.73 -11.45
C LYS A 131 8.22 -3.64 -10.59
N ALA A 132 7.83 -3.89 -9.36
CA ALA A 132 8.71 -4.69 -8.50
C ALA A 132 7.90 -5.55 -7.58
N VAL A 133 8.61 -6.28 -6.74
CA VAL A 133 7.97 -7.10 -5.69
C VAL A 133 8.67 -6.81 -4.34
N MET A 134 7.95 -6.89 -3.22
CA MET A 134 8.66 -6.84 -1.95
C MET A 134 7.84 -7.64 -0.97
N HIS A 135 8.47 -8.22 0.06
CA HIS A 135 7.71 -8.97 1.04
C HIS A 135 7.00 -7.98 1.98
N SER A 136 6.06 -8.48 2.79
CA SER A 136 5.23 -7.62 3.62
CA SER A 136 5.24 -7.59 3.59
C SER A 136 6.02 -6.84 4.66
N TYR A 137 7.12 -7.40 5.14
CA TYR A 137 7.84 -6.69 6.19
C TYR A 137 8.37 -5.32 5.68
N PHE A 138 8.88 -5.27 4.45
CA PHE A 138 9.39 -4.01 3.93
C PHE A 138 8.56 -3.33 2.81
N ALA A 139 7.35 -3.83 2.54
CA ALA A 139 6.58 -3.29 1.41
C ALA A 139 6.15 -1.83 1.62
N HIS A 140 5.78 -1.49 2.85
CA HIS A 140 5.43 -0.09 3.14
C HIS A 140 6.58 0.87 2.82
N LEU A 141 7.76 0.56 3.34
CA LEU A 141 8.94 1.40 3.11
C LEU A 141 9.24 1.53 1.63
N PHE A 142 9.22 0.40 0.91
CA PHE A 142 9.43 0.45 -0.54
C PHE A 142 8.43 1.45 -1.17
N GLY A 143 7.18 1.38 -0.73
CA GLY A 143 6.17 2.35 -1.19
C GLY A 143 6.51 3.80 -0.88
N GLU A 144 7.06 4.06 0.30
CA GLU A 144 7.48 5.41 0.68
C GLU A 144 8.64 5.91 -0.18
N LEU A 145 9.63 5.04 -0.42
CA LEU A 145 10.82 5.46 -1.19
C LEU A 145 10.64 5.50 -2.71
N PHE A 146 9.86 4.57 -3.24
CA PHE A 146 9.70 4.40 -4.67
C PHE A 146 8.20 4.38 -5.00
N PRO A 147 7.49 5.49 -4.72
CA PRO A 147 6.06 5.39 -4.98
C PRO A 147 5.78 5.28 -6.45
N GLU A 148 6.79 5.59 -7.28
CA GLU A 148 6.63 5.46 -8.76
C GLU A 148 6.80 4.01 -9.26
N ILE A 149 7.20 3.12 -8.35
CA ILE A 149 7.32 1.71 -8.72
C ILE A 149 6.08 0.95 -8.22
N MET A 150 5.36 0.32 -9.12
CA MET A 150 4.20 -0.45 -8.73
C MET A 150 4.62 -1.79 -8.13
N LEU A 151 4.19 -2.08 -6.92
CA LEU A 151 4.43 -3.40 -6.31
C LEU A 151 3.40 -4.41 -6.80
N MET A 152 3.87 -5.55 -7.28
CA MET A 152 3.01 -6.58 -7.80
C MET A 152 2.72 -7.47 -6.61
N THR A 153 1.60 -7.20 -5.96
CA THR A 153 1.39 -7.69 -4.62
C THR A 153 1.05 -9.19 -4.55
N GLU A 154 0.77 -9.82 -5.67
CA GLU A 154 0.51 -11.24 -5.65
C GLU A 154 1.64 -12.07 -6.28
N GLN A 155 2.84 -11.50 -6.42
CA GLN A 155 3.98 -12.24 -6.90
C GLN A 155 5.13 -12.19 -5.88
N LYS A 156 5.96 -13.23 -5.86
CA LYS A 156 7.10 -13.27 -4.91
C LYS A 156 8.36 -13.04 -5.71
N ALA A 157 8.20 -13.06 -7.04
CA ALA A 157 9.31 -12.86 -7.93
C ALA A 157 8.85 -12.14 -9.19
N LEU A 158 9.78 -11.52 -9.89
CA LEU A 158 9.45 -10.78 -11.15
C LEU A 158 10.68 -10.68 -12.01
N ILE A 159 10.51 -10.84 -13.32
CA ILE A 159 11.61 -10.68 -14.25
C ILE A 159 11.30 -9.56 -15.27
N ASP A 160 12.24 -8.65 -15.44
CA ASP A 160 12.04 -7.48 -16.31
C ASP A 160 13.33 -7.36 -17.09
N GLY A 161 13.31 -7.89 -18.29
CA GLY A 161 14.51 -7.81 -19.13
C GLY A 161 15.54 -8.73 -18.48
N ASN A 162 16.71 -8.18 -18.18
CA ASN A 162 17.73 -8.99 -17.51
C ASN A 162 17.82 -8.80 -16.03
N VAL A 163 16.77 -8.23 -15.44
CA VAL A 163 16.76 -7.98 -14.00
C VAL A 163 15.77 -8.98 -13.38
N TYR A 164 16.23 -9.72 -12.39
CA TYR A 164 15.44 -10.75 -11.71
C TYR A 164 15.28 -10.36 -10.26
N LEU A 165 14.04 -10.25 -9.81
CA LEU A 165 13.74 -9.88 -8.48
C LEU A 165 13.10 -11.05 -7.70
N SER A 166 13.60 -11.30 -6.49
CA SER A 166 13.02 -12.36 -5.66
C SER A 166 12.91 -11.82 -4.18
N SER A 167 11.69 -11.54 -3.73
CA SER A 167 11.42 -10.99 -2.36
C SER A 167 12.06 -11.81 -1.24
N GLY A 168 11.89 -13.12 -1.29
CA GLY A 168 12.31 -13.98 -0.22
C GLY A 168 11.54 -13.64 1.07
N PRO A 169 12.26 -13.54 2.21
CA PRO A 169 13.73 -13.35 2.30
C PRO A 169 14.61 -14.60 2.06
N TYR A 170 14.09 -15.81 2.27
CA TYR A 170 14.96 -17.00 2.19
C TYR A 170 14.67 -17.97 1.06
N SER A 171 13.49 -17.86 0.47
CA SER A 171 13.10 -18.73 -0.62
CA SER A 171 13.12 -18.74 -0.62
C SER A 171 13.24 -18.03 -1.96
N HIS A 172 14.19 -18.49 -2.77
CA HIS A 172 14.48 -17.86 -4.06
C HIS A 172 14.50 -18.87 -5.20
N SER A 173 13.74 -19.95 -4.99
CA SER A 173 13.71 -21.09 -5.93
C SER A 173 13.27 -20.69 -7.31
N SER A 174 12.19 -19.90 -7.43
CA SER A 174 11.72 -19.67 -8.77
C SER A 174 12.77 -18.92 -9.60
N VAL A 175 13.39 -17.89 -9.03
CA VAL A 175 14.43 -17.16 -9.78
C VAL A 175 15.66 -18.00 -10.07
N MET A 176 16.19 -18.67 -9.04
CA MET A 176 17.42 -19.44 -9.20
C MET A 176 17.22 -20.56 -10.28
N LEU A 177 16.07 -21.23 -10.24
CA LEU A 177 15.77 -22.28 -11.24
C LEU A 177 15.57 -21.72 -12.64
N GLU A 178 15.02 -20.52 -12.72
CA GLU A 178 14.91 -19.88 -14.00
C GLU A 178 16.28 -19.69 -14.61
N ILE A 179 17.22 -19.15 -13.84
CA ILE A 179 18.56 -18.92 -14.30
C ILE A 179 19.21 -20.28 -14.63
N VAL A 180 19.00 -21.28 -13.75
CA VAL A 180 19.48 -22.63 -14.06
C VAL A 180 18.94 -23.12 -15.42
N GLU A 181 17.64 -22.96 -15.69
CA GLU A 181 17.13 -23.46 -16.95
C GLU A 181 17.77 -22.73 -18.16
N GLU A 182 17.90 -21.42 -18.03
CA GLU A 182 18.57 -20.60 -19.06
C GLU A 182 19.95 -21.09 -19.44
N TYR A 183 20.79 -21.41 -18.46
CA TYR A 183 22.17 -21.79 -18.80
C TYR A 183 22.38 -23.26 -19.04
N PHE A 184 21.62 -24.09 -18.31
CA PHE A 184 21.86 -25.53 -18.27
C PHE A 184 20.71 -26.38 -18.85
N GLY A 185 19.54 -25.80 -19.04
CA GLY A 185 18.45 -26.53 -19.64
C GLY A 185 17.45 -27.14 -18.68
N LYS A 186 16.44 -27.80 -19.24
CA LYS A 186 15.30 -28.24 -18.46
C LYS A 186 15.58 -29.33 -17.44
N HIS A 187 16.34 -30.33 -17.86
CA HIS A 187 16.56 -31.47 -16.98
C HIS A 187 17.34 -31.00 -15.75
N THR A 188 18.38 -30.20 -15.98
CA THR A 188 19.16 -29.60 -14.84
C THR A 188 18.25 -28.78 -13.91
N ARG A 189 17.37 -27.96 -14.49
CA ARG A 189 16.41 -27.24 -13.69
C ARG A 189 15.55 -28.22 -12.93
N ASN A 190 15.10 -29.28 -13.57
CA ASN A 190 14.15 -30.20 -12.89
C ASN A 190 14.90 -30.92 -11.78
N LEU A 191 16.17 -31.27 -12.00
CA LEU A 191 16.99 -31.90 -10.95
C LEU A 191 17.16 -30.94 -9.78
N GLY A 192 17.45 -29.67 -10.11
CA GLY A 192 17.47 -28.56 -9.14
C GLY A 192 16.17 -28.47 -8.33
N ASN A 193 15.06 -28.45 -9.02
CA ASN A 193 13.75 -28.45 -8.40
C ASN A 193 13.51 -29.64 -7.46
N GLN A 194 14.02 -30.81 -7.85
CA GLN A 194 13.83 -32.01 -7.04
C GLN A 194 14.75 -31.90 -5.81
N PHE A 195 15.98 -31.45 -6.02
CA PHE A 195 16.96 -31.21 -4.92
C PHE A 195 16.33 -30.30 -3.87
N LEU A 196 15.58 -29.32 -4.33
CA LEU A 196 15.00 -28.31 -3.44
C LEU A 196 13.71 -28.82 -2.79
N SER A 197 13.26 -30.00 -3.20
CA SER A 197 12.01 -30.53 -2.68
C SER A 197 10.91 -29.44 -2.61
N THR A 198 10.71 -28.73 -3.71
CA THR A 198 9.72 -27.66 -3.75
C THR A 198 8.31 -28.26 -3.82
N ASN B 8 20.39 -13.63 26.20
CA ASN B 8 20.16 -14.41 27.48
C ASN B 8 19.78 -15.88 27.25
N LEU B 9 18.90 -16.18 26.27
CA LEU B 9 18.75 -17.58 25.78
C LEU B 9 19.98 -17.94 24.95
N ARG B 10 20.39 -19.19 24.99
CA ARG B 10 21.57 -19.62 24.20
C ARG B 10 21.22 -20.52 23.01
N VAL B 11 21.80 -20.23 21.86
CA VAL B 11 21.65 -21.09 20.70
C VAL B 11 23.05 -21.47 20.24
N VAL B 12 23.31 -22.76 20.10
CA VAL B 12 24.58 -23.22 19.51
C VAL B 12 24.24 -23.90 18.20
N ALA B 13 24.97 -23.55 17.14
CA ALA B 13 24.64 -24.06 15.79
C ALA B 13 25.87 -24.73 15.18
N LEU B 14 25.83 -26.07 15.05
CA LEU B 14 26.96 -26.80 14.51
C LEU B 14 26.82 -26.88 12.98
N ALA B 15 27.88 -26.46 12.29
CA ALA B 15 27.88 -26.39 10.83
C ALA B 15 28.97 -27.36 10.35
N PRO B 16 28.55 -28.61 10.04
CA PRO B 16 29.56 -29.60 9.67
C PRO B 16 30.27 -29.41 8.33
N THR B 17 29.68 -28.66 7.40
CA THR B 17 30.37 -28.52 6.10
C THR B 17 30.17 -27.15 5.45
N GLY B 18 31.25 -26.58 4.92
CA GLY B 18 31.16 -25.27 4.23
C GLY B 18 30.44 -25.39 2.89
N ARG B 19 30.23 -26.62 2.42
CA ARG B 19 29.51 -26.86 1.13
C ARG B 19 28.05 -26.53 1.29
N TYR B 20 27.54 -26.73 2.50
CA TYR B 20 26.11 -26.52 2.72
C TYR B 20 25.91 -25.93 4.12
N PHE B 21 26.15 -24.64 4.30
CA PHE B 21 25.98 -24.04 5.66
C PHE B 21 24.97 -22.85 5.70
N ALA B 22 24.53 -22.42 4.52
CA ALA B 22 23.61 -21.30 4.46
C ALA B 22 22.42 -21.49 5.39
N SER B 23 21.91 -22.70 5.46
CA SER B 23 20.66 -22.92 6.23
C SER B 23 20.88 -22.79 7.74
N ILE B 24 22.11 -23.02 8.20
CA ILE B 24 22.46 -22.63 9.59
C ILE B 24 22.35 -21.13 9.81
N ILE B 25 22.94 -20.40 8.89
CA ILE B 25 22.97 -18.91 8.96
C ILE B 25 21.58 -18.32 8.88
N SER B 26 20.78 -18.76 7.91
CA SER B 26 19.41 -18.26 7.87
C SER B 26 18.61 -18.55 9.18
N SER B 27 18.88 -19.68 9.79
CA SER B 27 18.14 -20.05 10.98
C SER B 27 18.48 -19.03 12.07
N LEU B 28 19.76 -18.63 12.16
CA LEU B 28 20.20 -17.69 13.18
C LEU B 28 19.62 -16.29 12.86
N GLU B 29 19.57 -15.92 11.57
CA GLU B 29 19.04 -14.62 11.20
C GLU B 29 17.56 -14.52 11.62
N ILE B 30 16.81 -15.60 11.43
CA ILE B 30 15.36 -15.62 11.75
C ILE B 30 15.17 -15.51 13.26
N LEU B 31 15.82 -16.39 13.99
CA LEU B 31 15.73 -16.40 15.42
C LEU B 31 16.13 -15.07 16.04
N GLU B 32 17.30 -14.56 15.64
CA GLU B 32 17.79 -13.30 16.20
C GLU B 32 16.91 -12.13 15.83
N THR B 33 16.44 -12.11 14.58
CA THR B 33 15.51 -11.06 14.20
C THR B 33 14.20 -11.11 15.00
N ALA B 34 13.61 -12.30 15.12
CA ALA B 34 12.40 -12.50 15.93
C ALA B 34 12.57 -11.94 17.35
N ALA B 35 13.72 -12.21 17.95
CA ALA B 35 14.02 -11.78 19.32
C ALA B 35 14.11 -10.24 19.48
N GLU B 36 14.48 -9.52 18.41
CA GLU B 36 14.50 -8.03 18.38
C GLU B 36 13.11 -7.43 18.49
N PHE B 37 12.11 -8.14 18.00
CA PHE B 37 10.74 -7.76 18.25
C PHE B 37 10.28 -8.05 19.69
N ALA B 38 11.04 -8.87 20.42
CA ALA B 38 10.70 -9.21 21.80
C ALA B 38 11.52 -8.37 22.78
N PHE B 43 18.35 -13.78 22.10
CA PHE B 43 19.28 -14.91 21.86
C PHE B 43 20.76 -14.41 21.94
N MET B 44 21.66 -15.15 22.61
CA MET B 44 23.11 -15.19 22.27
C MET B 44 23.24 -16.42 21.37
N THR B 45 23.72 -16.30 20.13
CA THR B 45 23.89 -17.46 19.28
C THR B 45 25.42 -17.72 18.99
N HIS B 46 25.77 -18.98 18.67
CA HIS B 46 27.19 -19.31 18.43
C HIS B 46 27.29 -20.33 17.31
N VAL B 47 28.00 -19.99 16.24
CA VAL B 47 28.32 -20.98 15.21
C VAL B 47 29.57 -21.77 15.62
N VAL B 48 29.49 -23.10 15.59
CA VAL B 48 30.65 -23.92 15.79
C VAL B 48 30.86 -24.93 14.65
N THR B 49 32.09 -25.39 14.47
CA THR B 49 32.44 -26.36 13.44
C THR B 49 33.02 -27.57 14.17
N PRO B 50 32.96 -28.74 13.54
CA PRO B 50 33.31 -30.00 14.27
C PRO B 50 34.73 -30.02 14.73
N ASN B 51 35.61 -29.37 13.99
CA ASN B 51 37.00 -29.29 14.36
C ASN B 51 37.43 -27.92 14.82
N ASN B 52 36.44 -27.06 15.05
CA ASN B 52 36.72 -25.67 15.44
C ASN B 52 37.66 -24.89 14.51
N ARG B 53 37.81 -25.33 13.26
CA ARG B 53 38.57 -24.57 12.24
C ARG B 53 37.59 -23.80 11.33
N PRO B 54 38.09 -22.83 10.56
CA PRO B 54 37.20 -22.16 9.61
C PRO B 54 36.54 -23.15 8.62
N LEU B 55 35.30 -22.85 8.22
CA LEU B 55 34.69 -23.54 7.06
C LEU B 55 35.12 -22.83 5.79
N ILE B 56 35.33 -23.59 4.74
CA ILE B 56 35.57 -23.04 3.42
C ILE B 56 34.25 -23.10 2.68
N GLY B 57 33.64 -21.94 2.52
CA GLY B 57 32.33 -21.88 1.93
C GLY B 57 32.44 -21.56 0.44
N ARG B 58 31.33 -21.58 -0.26
CA ARG B 58 31.33 -21.32 -1.71
C ARG B 58 31.61 -19.83 -2.01
N GLY B 59 32.17 -19.55 -3.18
CA GLY B 59 32.30 -18.15 -3.62
C GLY B 59 33.63 -17.62 -3.09
N GLY B 60 34.52 -18.57 -2.70
CA GLY B 60 35.86 -18.21 -2.27
C GLY B 60 35.93 -17.53 -0.91
N ILE B 61 35.07 -17.96 0.01
CA ILE B 61 35.09 -17.35 1.37
C ILE B 61 35.55 -18.36 2.39
N SER B 62 36.05 -17.83 3.52
CA SER B 62 36.30 -18.71 4.69
C SER B 62 35.53 -18.11 5.87
N VAL B 63 34.95 -18.97 6.70
CA VAL B 63 34.02 -18.48 7.75
C VAL B 63 34.66 -18.92 9.07
N GLN B 64 35.11 -17.94 9.82
CA GLN B 64 35.94 -18.20 11.03
C GLN B 64 35.03 -18.21 12.27
N PRO B 65 34.91 -19.36 12.96
CA PRO B 65 34.14 -19.33 14.24
C PRO B 65 34.97 -18.74 15.38
N THR B 66 34.30 -18.21 16.41
CA THR B 66 35.02 -17.63 17.58
C THR B 66 34.69 -18.33 18.89
N ALA B 67 34.02 -19.47 18.82
CA ALA B 67 33.75 -20.32 20.02
C ALA B 67 34.12 -21.77 19.65
N GLN B 68 34.48 -22.61 20.61
CA GLN B 68 34.72 -24.03 20.37
C GLN B 68 33.53 -24.81 20.90
N TRP B 69 33.14 -25.88 20.24
CA TRP B 69 31.94 -26.61 20.67
C TRP B 69 32.13 -27.19 22.06
N GLN B 70 33.35 -27.61 22.39
CA GLN B 70 33.57 -28.18 23.73
C GLN B 70 33.26 -27.21 24.88
N SER B 71 33.07 -25.92 24.58
CA SER B 71 32.99 -24.92 25.63
C SER B 71 31.59 -24.92 26.20
N PHE B 72 30.67 -25.66 25.56
CA PHE B 72 29.25 -25.50 25.86
C PHE B 72 28.76 -26.72 26.61
N ASP B 73 28.33 -26.49 27.85
CA ASP B 73 27.89 -27.52 28.76
C ASP B 73 26.39 -27.48 28.87
N PHE B 74 25.82 -26.38 28.37
CA PHE B 74 24.37 -26.24 28.30
C PHE B 74 23.97 -25.42 27.06
N THR B 75 22.80 -25.66 26.46
CA THR B 75 22.21 -24.66 25.54
C THR B 75 20.68 -24.75 25.56
N ASN B 76 20.00 -23.66 25.25
CA ASN B 76 18.56 -23.76 25.07
C ASN B 76 18.16 -24.46 23.78
N ILE B 77 18.88 -24.13 22.69
CA ILE B 77 18.68 -24.74 21.40
C ILE B 77 20.04 -25.15 20.82
N LEU B 78 20.13 -26.37 20.30
CA LEU B 78 21.26 -26.78 19.49
C LEU B 78 20.75 -27.08 18.11
N ILE B 79 21.40 -26.48 17.10
CA ILE B 79 21.01 -26.72 15.72
C ILE B 79 22.13 -27.49 15.05
N ILE B 80 21.75 -28.55 14.33
CA ILE B 80 22.72 -29.38 13.62
C ILE B 80 22.41 -29.18 12.14
N GLY B 81 23.37 -28.56 11.44
CA GLY B 81 23.18 -28.29 10.02
C GLY B 81 23.40 -29.48 9.08
N SER B 82 23.28 -29.18 7.79
CA SER B 82 23.57 -30.13 6.76
C SER B 82 24.94 -30.77 6.96
N ILE B 83 25.01 -32.07 6.69
CA ILE B 83 26.31 -32.70 6.54
C ILE B 83 26.64 -32.99 5.05
N GLY B 84 25.92 -32.37 4.13
CA GLY B 84 26.14 -32.63 2.71
C GLY B 84 25.72 -34.07 2.44
N ASP B 85 26.58 -34.78 1.70
CA ASP B 85 26.34 -36.14 1.33
C ASP B 85 26.70 -37.07 2.49
N PRO B 86 25.71 -37.72 3.14
CA PRO B 86 26.01 -38.52 4.32
C PRO B 86 26.90 -39.70 3.98
N LEU B 87 26.86 -40.15 2.72
CA LEU B 87 27.68 -41.28 2.34
C LEU B 87 29.14 -41.01 2.52
N GLU B 88 29.55 -39.77 2.25
CA GLU B 88 30.90 -39.32 2.46
C GLU B 88 31.18 -38.90 3.93
N SER B 89 30.23 -38.18 4.52
CA SER B 89 30.55 -37.39 5.76
C SER B 89 30.15 -38.03 7.08
N LEU B 90 29.12 -38.89 7.07
CA LEU B 90 28.50 -39.26 8.38
C LEU B 90 29.53 -40.03 9.23
N ASP B 91 30.33 -40.89 8.56
CA ASP B 91 31.31 -41.77 9.19
C ASP B 91 32.51 -41.04 9.72
N LYS B 92 32.68 -39.80 9.30
CA LYS B 92 33.87 -39.05 9.60
C LYS B 92 33.64 -38.02 10.68
N ILE B 93 32.41 -37.95 11.16
CA ILE B 93 32.07 -37.07 12.28
C ILE B 93 32.67 -37.59 13.58
N ASP B 94 33.36 -36.73 14.30
CA ASP B 94 33.97 -37.08 15.57
C ASP B 94 32.95 -37.75 16.51
N PRO B 95 33.26 -38.99 16.93
CA PRO B 95 32.35 -39.65 17.88
C PRO B 95 32.03 -38.82 19.10
N ALA B 96 32.98 -37.99 19.53
CA ALA B 96 32.79 -37.15 20.73
C ALA B 96 31.66 -36.13 20.53
N LEU B 97 31.37 -35.79 19.27
CA LEU B 97 30.27 -34.86 18.99
C LEU B 97 28.90 -35.53 19.21
N PHE B 98 28.81 -36.82 18.91
CA PHE B 98 27.57 -37.52 19.22
C PHE B 98 27.29 -37.58 20.72
N ASP B 99 28.34 -37.78 21.50
CA ASP B 99 28.23 -37.79 23.00
C ASP B 99 27.72 -36.42 23.49
N TRP B 100 28.33 -35.35 22.94
CA TRP B 100 27.96 -33.97 23.28
C TRP B 100 26.49 -33.66 22.95
N ILE B 101 26.04 -34.04 21.75
CA ILE B 101 24.62 -33.91 21.38
C ILE B 101 23.67 -34.60 22.36
N ARG B 102 24.00 -35.83 22.68
CA ARG B 102 23.23 -36.64 23.62
C ARG B 102 23.19 -35.95 25.01
N GLU B 103 24.32 -35.43 25.44
CA GLU B 103 24.40 -34.77 26.77
C GLU B 103 23.54 -33.53 26.87
N LEU B 104 23.67 -32.68 25.84
CA LEU B 104 22.83 -31.47 25.78
C LEU B 104 21.33 -31.80 25.75
N HIS B 105 20.98 -32.81 24.95
CA HIS B 105 19.62 -33.22 24.90
C HIS B 105 19.10 -33.64 26.31
N LEU B 106 19.92 -34.41 27.03
CA LEU B 106 19.52 -34.81 28.43
C LEU B 106 19.41 -33.60 29.38
N LYS B 107 20.15 -32.53 29.07
CA LYS B 107 20.12 -31.31 29.89
C LYS B 107 19.13 -30.35 29.29
N GLY B 108 18.22 -30.87 28.48
CA GLY B 108 17.02 -30.11 28.17
C GLY B 108 17.03 -29.25 26.89
N SER B 109 18.12 -29.32 26.12
CA SER B 109 18.17 -28.55 24.86
C SER B 109 17.15 -29.01 23.86
N LYS B 110 16.58 -28.05 23.12
CA LYS B 110 15.86 -28.43 21.94
C LYS B 110 16.97 -28.81 20.95
N ILE B 111 16.76 -29.87 20.20
CA ILE B 111 17.75 -30.29 19.21
C ILE B 111 17.05 -30.13 17.83
N VAL B 112 17.56 -29.23 16.99
CA VAL B 112 16.93 -28.91 15.74
C VAL B 112 17.88 -29.43 14.65
N ALA B 113 17.41 -30.41 13.87
CA ALA B 113 18.24 -31.03 12.81
C ALA B 113 17.70 -30.61 11.45
N ILE B 114 18.55 -30.03 10.59
CA ILE B 114 18.05 -29.60 9.31
C ILE B 114 18.75 -30.34 8.17
N ASP B 115 17.97 -30.65 7.13
CA ASP B 115 18.50 -31.29 5.91
C ASP B 115 19.22 -32.57 6.34
N THR B 116 20.38 -32.85 5.80
CA THR B 116 20.99 -34.13 6.13
C THR B 116 21.51 -34.17 7.59
N GLY B 117 21.49 -33.02 8.27
CA GLY B 117 21.69 -33.00 9.75
C GLY B 117 20.82 -34.02 10.44
N ILE B 118 19.69 -34.35 9.81
CA ILE B 118 18.76 -35.34 10.37
C ILE B 118 19.45 -36.72 10.54
N PHE B 119 20.39 -37.09 9.64
CA PHE B 119 21.14 -38.36 9.80
C PHE B 119 21.94 -38.35 11.09
N VAL B 120 22.44 -37.17 11.47
CA VAL B 120 23.24 -37.05 12.69
C VAL B 120 22.41 -37.40 13.93
N VAL B 121 21.23 -36.81 14.03
CA VAL B 121 20.39 -37.08 15.24
C VAL B 121 19.82 -38.51 15.23
N ALA B 122 19.60 -39.06 14.03
CA ALA B 122 19.13 -40.44 13.91
C ALA B 122 20.19 -41.35 14.45
N LYS B 123 21.42 -41.16 14.00
CA LYS B 123 22.54 -41.95 14.51
C LYS B 123 22.83 -41.73 16.01
N ALA B 124 22.57 -40.52 16.50
CA ALA B 124 22.82 -40.24 17.93
C ALA B 124 21.82 -40.97 18.83
N GLY B 125 20.72 -41.45 18.25
CA GLY B 125 19.74 -42.20 18.98
C GLY B 125 18.66 -41.36 19.61
N LEU B 126 18.43 -40.16 19.08
CA LEU B 126 17.48 -39.24 19.71
C LEU B 126 16.05 -39.41 19.28
N LEU B 127 15.79 -40.22 18.25
CA LEU B 127 14.42 -40.30 17.74
C LEU B 127 13.67 -41.39 18.51
N GLN B 128 13.21 -40.99 19.69
CA GLN B 128 12.59 -41.93 20.64
C GLN B 128 11.37 -42.64 20.03
N GLN B 129 10.60 -41.91 19.20
CA GLN B 129 9.45 -42.44 18.55
C GLN B 129 9.69 -43.09 17.19
N ASN B 130 10.95 -43.34 16.85
CA ASN B 130 11.34 -43.94 15.53
C ASN B 130 10.67 -43.43 14.29
N LYS B 131 10.32 -42.15 14.24
CA LYS B 131 9.87 -41.57 13.01
C LYS B 131 10.88 -40.50 12.59
N ALA B 132 11.01 -40.34 11.26
CA ALA B 132 11.78 -39.21 10.70
C ALA B 132 11.17 -38.66 9.42
N VAL B 133 11.83 -37.66 8.85
CA VAL B 133 11.49 -37.15 7.52
C VAL B 133 12.85 -37.09 6.79
N MET B 134 12.82 -37.22 5.47
CA MET B 134 14.01 -37.07 4.66
C MET B 134 13.55 -36.79 3.21
N HIS B 135 14.27 -35.97 2.47
CA HIS B 135 14.07 -35.84 1.03
C HIS B 135 13.99 -37.20 0.36
N SER B 136 13.10 -37.32 -0.63
CA SER B 136 12.94 -38.59 -1.30
C SER B 136 14.28 -39.10 -1.88
N TYR B 137 15.13 -38.20 -2.32
CA TYR B 137 16.38 -38.72 -2.95
C TYR B 137 17.39 -39.34 -1.98
N PHE B 138 17.30 -38.96 -0.70
CA PHE B 138 18.13 -39.60 0.30
C PHE B 138 17.36 -40.64 1.14
N ALA B 139 16.10 -40.86 0.84
CA ALA B 139 15.30 -41.76 1.66
C ALA B 139 15.91 -43.16 1.66
N HIS B 140 16.36 -43.63 0.49
CA HIS B 140 16.91 -44.99 0.39
C HIS B 140 18.18 -45.11 1.27
N LEU B 141 19.11 -44.18 1.13
CA LEU B 141 20.33 -44.22 1.97
C LEU B 141 19.97 -44.21 3.45
N PHE B 142 19.03 -43.32 3.82
CA PHE B 142 18.58 -43.23 5.23
C PHE B 142 18.01 -44.59 5.76
N GLY B 143 17.19 -45.24 4.94
CA GLY B 143 16.65 -46.59 5.23
C GLY B 143 17.69 -47.69 5.35
N GLU B 144 18.73 -47.62 4.56
CA GLU B 144 19.81 -48.58 4.63
C GLU B 144 20.58 -48.44 5.94
N LEU B 145 20.82 -47.19 6.36
CA LEU B 145 21.51 -46.93 7.62
C LEU B 145 20.61 -47.09 8.85
N PHE B 146 19.34 -46.75 8.73
CA PHE B 146 18.46 -46.73 9.89
C PHE B 146 17.18 -47.49 9.64
N PRO B 147 17.29 -48.81 9.40
CA PRO B 147 16.16 -49.61 8.91
C PRO B 147 14.98 -49.64 9.88
N GLU B 148 15.20 -49.34 11.15
CA GLU B 148 14.10 -49.32 12.15
C GLU B 148 13.27 -48.00 12.23
N ILE B 149 13.73 -46.95 11.54
CA ILE B 149 13.03 -45.71 11.60
C ILE B 149 12.04 -45.53 10.46
N MET B 150 10.83 -45.13 10.78
CA MET B 150 9.86 -44.97 9.72
C MET B 150 9.93 -43.56 9.11
N LEU B 151 9.95 -43.43 7.78
CA LEU B 151 9.92 -42.09 7.19
C LEU B 151 8.55 -41.58 6.83
N MET B 152 8.23 -40.38 7.27
CA MET B 152 6.95 -39.81 7.00
C MET B 152 6.96 -39.05 5.65
N THR B 153 6.62 -39.78 4.59
CA THR B 153 6.78 -39.34 3.21
C THR B 153 6.04 -38.05 2.85
N GLU B 154 4.95 -37.77 3.54
CA GLU B 154 4.19 -36.61 3.15
C GLU B 154 4.52 -35.36 3.99
N GLN B 155 5.53 -35.45 4.85
CA GLN B 155 5.87 -34.33 5.77
C GLN B 155 7.32 -33.86 5.54
N LYS B 156 7.54 -32.54 5.63
CA LYS B 156 8.88 -32.00 5.56
C LYS B 156 9.41 -31.59 6.95
N ALA B 157 8.60 -31.76 8.00
CA ALA B 157 9.07 -31.44 9.34
C ALA B 157 8.40 -32.37 10.32
N LEU B 158 9.07 -32.65 11.43
CA LEU B 158 8.53 -33.53 12.42
C LEU B 158 9.10 -33.14 13.78
N ILE B 159 8.25 -33.15 14.80
CA ILE B 159 8.71 -32.90 16.15
C ILE B 159 8.55 -34.17 17.00
N ASP B 160 9.63 -34.65 17.59
CA ASP B 160 9.62 -35.82 18.50
C ASP B 160 10.13 -35.34 19.87
N GLY B 161 9.19 -35.07 20.79
CA GLY B 161 9.57 -34.50 22.10
C GLY B 161 10.30 -33.17 21.95
N ASN B 162 11.58 -33.13 22.31
CA ASN B 162 12.40 -31.91 22.16
C ASN B 162 13.27 -31.91 20.90
N VAL B 163 13.03 -32.88 20.02
CA VAL B 163 13.82 -33.02 18.79
C VAL B 163 12.98 -32.55 17.60
N TYR B 164 13.50 -31.59 16.84
CA TYR B 164 12.80 -31.04 15.71
C TYR B 164 13.57 -31.35 14.42
N LEU B 165 12.90 -32.02 13.47
CA LEU B 165 13.47 -32.28 12.12
C LEU B 165 12.87 -31.35 11.09
N SER B 166 13.69 -30.78 10.21
CA SER B 166 13.18 -29.99 9.07
C SER B 166 14.02 -30.37 7.84
N SER B 167 13.48 -31.13 6.86
CA SER B 167 14.27 -31.42 5.58
C SER B 167 14.85 -30.18 4.81
N GLY B 168 13.98 -29.19 4.63
CA GLY B 168 14.41 -28.00 3.86
C GLY B 168 14.53 -28.36 2.36
N PRO B 169 15.73 -28.12 1.72
CA PRO B 169 17.01 -27.78 2.40
C PRO B 169 17.12 -26.39 2.94
N TYR B 170 16.29 -25.45 2.46
CA TYR B 170 16.44 -24.05 2.81
C TYR B 170 15.27 -23.36 3.49
N SER B 171 14.10 -23.99 3.45
CA SER B 171 12.97 -23.38 4.08
C SER B 171 12.57 -24.17 5.31
N HIS B 172 12.86 -23.57 6.45
CA HIS B 172 12.68 -24.20 7.74
C HIS B 172 11.72 -23.32 8.55
N SER B 173 10.77 -22.70 7.87
CA SER B 173 9.92 -21.70 8.52
C SER B 173 9.05 -22.33 9.60
N SER B 174 8.48 -23.51 9.36
CA SER B 174 7.56 -24.04 10.35
C SER B 174 8.24 -24.37 11.67
N VAL B 175 9.38 -25.06 11.63
CA VAL B 175 10.14 -25.35 12.85
C VAL B 175 10.65 -24.06 13.52
N MET B 176 11.20 -23.12 12.74
CA MET B 176 11.70 -21.89 13.35
C MET B 176 10.59 -21.10 14.07
N LEU B 177 9.46 -20.93 13.39
CA LEU B 177 8.34 -20.21 13.97
C LEU B 177 7.74 -20.95 15.20
N GLU B 178 7.71 -22.27 15.15
CA GLU B 178 7.30 -23.05 16.32
C GLU B 178 8.16 -22.67 17.53
N ILE B 179 9.48 -22.70 17.32
CA ILE B 179 10.43 -22.32 18.36
C ILE B 179 10.32 -20.89 18.86
N VAL B 180 10.21 -19.95 17.92
CA VAL B 180 9.92 -18.55 18.27
C VAL B 180 8.65 -18.46 19.15
N GLU B 181 7.59 -19.15 18.75
CA GLU B 181 6.36 -19.09 19.54
C GLU B 181 6.57 -19.68 20.95
N GLU B 182 7.35 -20.75 21.04
CA GLU B 182 7.64 -21.32 22.36
C GLU B 182 8.26 -20.30 23.28
N TYR B 183 9.25 -19.52 22.79
CA TYR B 183 9.99 -18.63 23.68
C TYR B 183 9.32 -17.29 23.86
N PHE B 184 8.57 -16.85 22.85
CA PHE B 184 8.10 -15.45 22.79
C PHE B 184 6.60 -15.32 22.70
N GLY B 185 5.89 -16.44 22.58
CA GLY B 185 4.43 -16.39 22.68
C GLY B 185 3.78 -15.93 21.39
N GLN B 194 4.29 -8.41 10.96
CA GLN B 194 4.58 -8.51 9.53
C GLN B 194 5.85 -9.32 9.32
N PHE B 195 6.77 -9.25 10.28
CA PHE B 195 7.98 -10.01 10.13
C PHE B 195 7.65 -11.51 10.17
N LEU B 196 6.87 -11.92 11.18
CA LEU B 196 6.57 -13.34 11.37
C LEU B 196 5.76 -13.87 10.19
N SER B 197 4.91 -13.01 9.65
CA SER B 197 4.13 -13.32 8.53
C SER B 197 4.96 -13.43 7.25
N THR B 198 5.98 -12.59 7.14
CA THR B 198 6.91 -12.62 6.00
C THR B 198 7.66 -13.96 5.95
N ILE B 199 8.07 -14.43 7.12
CA ILE B 199 8.71 -15.72 7.22
C ILE B 199 7.75 -16.85 6.93
N GLU B 200 6.59 -16.82 7.57
CA GLU B 200 5.63 -17.91 7.39
C GLU B 200 5.10 -18.01 5.96
N SER B 201 4.94 -16.87 5.27
CA SER B 201 4.37 -16.90 3.95
C SER B 201 5.22 -17.71 2.95
N GLU B 202 6.52 -17.84 3.22
CA GLU B 202 7.39 -18.60 2.31
C GLU B 202 7.22 -20.12 2.53
N GLY B 203 6.52 -20.55 3.57
CA GLY B 203 6.13 -21.94 3.70
C GLY B 203 4.98 -22.18 2.71
N LYS C 7 -15.32 -23.19 -11.37
CA LYS C 7 -15.30 -24.67 -11.59
C LYS C 7 -15.87 -25.42 -10.36
N ASN C 8 -15.17 -25.25 -9.24
CA ASN C 8 -15.72 -25.49 -7.89
C ASN C 8 -15.32 -24.33 -6.99
N LEU C 9 -16.29 -23.77 -6.26
CA LEU C 9 -16.08 -22.58 -5.43
C LEU C 9 -16.53 -22.89 -4.03
N ARG C 10 -15.74 -22.50 -3.06
CA ARG C 10 -16.05 -22.84 -1.69
C ARG C 10 -16.07 -21.59 -0.83
N VAL C 11 -17.08 -21.54 0.05
CA VAL C 11 -17.17 -20.53 1.06
C VAL C 11 -17.31 -21.20 2.41
N VAL C 12 -16.51 -20.75 3.39
CA VAL C 12 -16.62 -21.28 4.72
C VAL C 12 -16.92 -20.08 5.60
N ALA C 13 -17.91 -20.21 6.47
CA ALA C 13 -18.36 -19.07 7.27
C ALA C 13 -18.31 -19.49 8.73
N LEU C 14 -17.40 -18.88 9.49
CA LEU C 14 -17.26 -19.14 10.90
C LEU C 14 -18.25 -18.25 11.68
N ALA C 15 -19.05 -18.85 12.53
CA ALA C 15 -20.03 -18.08 13.33
C ALA C 15 -19.64 -18.23 14.77
N PRO C 16 -18.90 -17.25 15.31
CA PRO C 16 -18.39 -17.41 16.69
C PRO C 16 -19.42 -17.39 17.81
N THR C 17 -20.61 -16.83 17.59
CA THR C 17 -21.55 -16.73 18.72
C THR C 17 -23.01 -16.72 18.25
N GLY C 18 -23.84 -17.50 18.93
CA GLY C 18 -25.26 -17.57 18.63
C GLY C 18 -26.00 -16.30 19.05
N ARG C 19 -25.32 -15.42 19.80
CA ARG C 19 -25.91 -14.13 20.18
C ARG C 19 -26.03 -13.26 18.95
N TYR C 20 -25.09 -13.41 17.99
CA TYR C 20 -25.13 -12.55 16.83
C TYR C 20 -24.68 -13.31 15.60
N PHE C 21 -25.56 -14.09 15.01
CA PHE C 21 -25.09 -14.88 13.90
C PHE C 21 -25.93 -14.66 12.64
N ALA C 22 -27.01 -13.91 12.75
CA ALA C 22 -27.83 -13.61 11.57
C ALA C 22 -27.02 -13.06 10.38
N SER C 23 -26.02 -12.22 10.64
CA SER C 23 -25.31 -11.63 9.47
C SER C 23 -24.54 -12.68 8.68
N ILE C 24 -24.17 -13.77 9.35
CA ILE C 24 -23.55 -14.91 8.66
C ILE C 24 -24.59 -15.58 7.75
N ILE C 25 -25.79 -15.80 8.31
CA ILE C 25 -26.91 -16.37 7.55
C ILE C 25 -27.30 -15.51 6.36
N SER C 26 -27.48 -14.23 6.58
CA SER C 26 -27.86 -13.38 5.44
C SER C 26 -26.75 -13.38 4.37
N SER C 27 -25.48 -13.38 4.78
CA SER C 27 -24.39 -13.40 3.75
C SER C 27 -24.46 -14.67 2.88
N LEU C 28 -24.72 -15.82 3.47
CA LEU C 28 -24.87 -17.05 2.65
C LEU C 28 -26.14 -17.00 1.80
N GLU C 29 -27.20 -16.46 2.36
CA GLU C 29 -28.40 -16.32 1.56
C GLU C 29 -28.10 -15.55 0.24
N ILE C 30 -27.36 -14.45 0.37
CA ILE C 30 -27.04 -13.61 -0.80
C ILE C 30 -26.12 -14.35 -1.76
N LEU C 31 -25.03 -14.93 -1.21
CA LEU C 31 -24.02 -15.60 -2.04
C LEU C 31 -24.63 -16.79 -2.80
N GLU C 32 -25.40 -17.64 -2.09
CA GLU C 32 -26.07 -18.79 -2.74
C GLU C 32 -27.17 -18.36 -3.71
N THR C 33 -27.94 -17.35 -3.36
CA THR C 33 -28.89 -16.85 -4.33
C THR C 33 -28.16 -16.35 -5.60
N ALA C 34 -27.04 -15.66 -5.45
CA ALA C 34 -26.34 -15.15 -6.61
C ALA C 34 -25.88 -16.33 -7.46
N ALA C 35 -25.33 -17.35 -6.80
CA ALA C 35 -24.88 -18.56 -7.47
C ALA C 35 -25.98 -19.28 -8.23
N GLU C 36 -27.12 -19.47 -7.56
CA GLU C 36 -28.33 -20.02 -8.15
C GLU C 36 -28.71 -19.26 -9.43
N PHE C 37 -28.82 -17.93 -9.32
CA PHE C 37 -29.12 -17.11 -10.48
C PHE C 37 -28.09 -17.39 -11.58
N ALA C 38 -26.80 -17.30 -11.25
CA ALA C 38 -25.74 -17.48 -12.25
C ALA C 38 -25.65 -18.91 -12.79
N GLU C 39 -26.63 -19.74 -12.42
CA GLU C 39 -26.60 -21.17 -12.72
C GLU C 39 -25.23 -21.75 -12.56
N PHE C 40 -24.50 -21.19 -11.59
CA PHE C 40 -23.17 -21.65 -11.21
C PHE C 40 -23.27 -22.97 -10.50
N GLN C 41 -22.54 -23.96 -10.98
CA GLN C 41 -22.78 -25.32 -10.55
C GLN C 41 -22.06 -25.79 -9.27
N GLY C 42 -20.74 -25.72 -9.24
CA GLY C 42 -20.04 -26.31 -8.09
C GLY C 42 -19.89 -25.45 -6.84
N PHE C 43 -20.80 -24.51 -6.60
CA PHE C 43 -20.67 -23.59 -5.47
C PHE C 43 -21.08 -24.29 -4.18
N MET C 44 -20.24 -24.35 -3.15
CA MET C 44 -20.70 -24.81 -1.82
C MET C 44 -20.36 -23.81 -0.70
N THR C 45 -21.29 -23.61 0.24
CA THR C 45 -21.01 -22.84 1.45
C THR C 45 -21.07 -23.77 2.67
N HIS C 46 -20.33 -23.40 3.73
CA HIS C 46 -20.29 -24.22 4.97
C HIS C 46 -20.30 -23.33 6.22
N VAL C 47 -21.23 -23.57 7.13
CA VAL C 47 -21.18 -22.84 8.40
C VAL C 47 -20.43 -23.69 9.41
N VAL C 48 -19.49 -23.05 10.10
CA VAL C 48 -18.78 -23.77 11.13
C VAL C 48 -18.81 -22.95 12.43
N THR C 49 -18.70 -23.66 13.56
CA THR C 49 -18.61 -23.02 14.85
C THR C 49 -17.24 -23.36 15.47
N PRO C 50 -16.76 -22.47 16.37
CA PRO C 50 -15.40 -22.53 16.89
C PRO C 50 -15.10 -23.84 17.58
N ASN C 51 -16.10 -24.47 18.21
CA ASN C 51 -15.87 -25.73 18.89
C ASN C 51 -16.63 -26.85 18.18
N ASN C 52 -17.18 -26.56 17.01
CA ASN C 52 -17.95 -27.53 16.23
C ASN C 52 -19.21 -28.06 16.89
N ARG C 53 -19.64 -27.39 17.96
CA ARG C 53 -20.91 -27.70 18.62
C ARG C 53 -22.03 -26.78 18.10
N PRO C 54 -23.30 -27.18 18.31
CA PRO C 54 -24.43 -26.32 17.91
C PRO C 54 -24.33 -24.91 18.53
N LEU C 55 -24.77 -23.89 17.80
CA LEU C 55 -24.87 -22.57 18.36
C LEU C 55 -26.22 -22.51 19.02
N ILE C 56 -26.27 -21.79 20.12
CA ILE C 56 -27.56 -21.50 20.73
C ILE C 56 -27.94 -20.06 20.31
N GLY C 57 -28.95 -19.96 19.45
CA GLY C 57 -29.38 -18.69 18.91
C GLY C 57 -30.48 -18.15 19.78
N ARG C 58 -30.95 -16.94 19.47
CA ARG C 58 -32.05 -16.34 20.24
C ARG C 58 -33.40 -16.95 19.81
N GLY C 59 -34.43 -16.85 20.65
CA GLY C 59 -35.73 -17.44 20.31
C GLY C 59 -35.73 -18.93 20.55
N GLY C 60 -34.80 -19.41 21.37
CA GLY C 60 -34.85 -20.81 21.83
C GLY C 60 -34.54 -21.83 20.71
N ILE C 61 -33.57 -21.51 19.84
CA ILE C 61 -33.08 -22.40 18.80
C ILE C 61 -31.67 -22.89 19.01
N SER C 62 -31.45 -24.10 18.49
CA SER C 62 -30.20 -24.81 18.41
C SER C 62 -29.82 -24.82 16.91
N VAL C 63 -28.60 -24.38 16.55
CA VAL C 63 -28.15 -24.37 15.14
C VAL C 63 -26.97 -25.36 14.96
N GLN C 64 -27.25 -26.52 14.36
CA GLN C 64 -26.29 -27.61 14.19
C GLN C 64 -25.50 -27.49 12.88
N PRO C 65 -24.18 -27.21 12.94
CA PRO C 65 -23.33 -27.36 11.75
C PRO C 65 -23.09 -28.84 11.41
N THR C 66 -22.71 -29.13 10.16
CA THR C 66 -22.46 -30.52 9.80
C THR C 66 -21.07 -30.73 9.25
N ALA C 67 -20.16 -29.81 9.54
CA ALA C 67 -18.79 -29.88 9.12
C ALA C 67 -18.00 -29.26 10.27
N GLN C 68 -16.77 -29.75 10.42
CA GLN C 68 -15.83 -29.25 11.41
C GLN C 68 -14.88 -28.28 10.75
N TRP C 69 -14.55 -27.19 11.43
CA TRP C 69 -13.65 -26.23 10.78
C TRP C 69 -12.29 -26.91 10.43
N GLN C 70 -11.86 -27.88 11.23
CA GLN C 70 -10.55 -28.48 11.01
C GLN C 70 -10.49 -29.20 9.67
N SER C 71 -11.64 -29.59 9.16
CA SER C 71 -11.64 -30.37 7.94
C SER C 71 -11.40 -29.55 6.66
N PHE C 72 -11.36 -28.22 6.75
CA PHE C 72 -11.12 -27.39 5.55
C PHE C 72 -9.67 -26.96 5.44
N ASP C 73 -8.98 -27.52 4.45
CA ASP C 73 -7.57 -27.19 4.18
C ASP C 73 -7.41 -25.97 3.32
N PHE C 74 -8.44 -25.64 2.56
CA PHE C 74 -8.44 -24.44 1.76
C PHE C 74 -9.90 -24.00 1.67
N THR C 75 -10.11 -22.74 1.34
CA THR C 75 -11.42 -22.28 0.90
C THR C 75 -11.14 -21.09 0.03
N ASN C 76 -12.06 -20.77 -0.88
CA ASN C 76 -11.91 -19.60 -1.68
C ASN C 76 -12.21 -18.33 -0.90
N ILE C 77 -13.18 -18.43 0.02
CA ILE C 77 -13.63 -17.28 0.80
C ILE C 77 -13.90 -17.83 2.17
N LEU C 78 -13.38 -17.15 3.20
CA LEU C 78 -13.73 -17.42 4.57
C LEU C 78 -14.42 -16.16 5.09
N ILE C 79 -15.58 -16.34 5.72
CA ILE C 79 -16.26 -15.24 6.36
C ILE C 79 -16.17 -15.41 7.85
N ILE C 80 -15.83 -14.33 8.55
CA ILE C 80 -15.72 -14.41 9.99
C ILE C 80 -16.83 -13.52 10.53
N GLY C 81 -17.80 -14.12 11.24
CA GLY C 81 -18.96 -13.35 11.70
C GLY C 81 -18.66 -12.60 13.00
N SER C 82 -19.72 -12.03 13.58
CA SER C 82 -19.59 -11.29 14.79
C SER C 82 -19.01 -12.15 15.93
N ILE C 83 -18.24 -11.55 16.82
CA ILE C 83 -17.91 -12.22 18.08
C ILE C 83 -18.71 -11.56 19.20
N GLY C 84 -19.72 -10.75 18.87
CA GLY C 84 -20.52 -10.11 19.95
C GLY C 84 -19.59 -9.18 20.70
N ASP C 85 -19.57 -9.24 22.03
CA ASP C 85 -18.72 -8.31 22.79
C ASP C 85 -17.26 -8.77 22.89
N PRO C 86 -16.34 -8.11 22.18
CA PRO C 86 -14.99 -8.60 22.11
C PRO C 86 -14.33 -8.62 23.47
N LEU C 87 -14.81 -7.79 24.39
CA LEU C 87 -14.18 -7.74 25.72
C LEU C 87 -14.35 -9.07 26.47
N GLU C 88 -15.44 -9.77 26.22
CA GLU C 88 -15.67 -11.10 26.80
C GLU C 88 -15.11 -12.24 25.85
N SER C 89 -15.39 -12.14 24.57
CA SER C 89 -15.15 -13.26 23.65
C SER C 89 -13.76 -13.37 23.02
N LEU C 90 -13.12 -12.24 22.77
CA LEU C 90 -11.90 -12.29 21.96
C LEU C 90 -10.80 -13.20 22.55
N ASP C 91 -10.48 -13.04 23.83
CA ASP C 91 -9.36 -13.85 24.32
C ASP C 91 -9.82 -15.24 24.71
N LYS C 92 -11.09 -15.58 24.46
CA LYS C 92 -11.57 -16.92 24.77
C LYS C 92 -11.59 -17.77 23.54
N ILE C 93 -11.28 -17.19 22.39
CA ILE C 93 -11.25 -17.94 21.14
C ILE C 93 -10.04 -18.87 21.04
N ASP C 94 -10.30 -20.11 20.66
CA ASP C 94 -9.24 -21.12 20.49
C ASP C 94 -8.07 -20.54 19.70
N PRO C 95 -6.89 -20.46 20.32
CA PRO C 95 -5.72 -19.97 19.56
C PRO C 95 -5.51 -20.72 18.23
N ALA C 96 -5.85 -22.00 18.17
CA ALA C 96 -5.72 -22.75 16.91
C ALA C 96 -6.57 -22.14 15.77
N LEU C 97 -7.66 -21.47 16.14
CA LEU C 97 -8.47 -20.85 15.10
C LEU C 97 -7.77 -19.69 14.44
N PHE C 98 -7.01 -18.88 15.20
CA PHE C 98 -6.24 -17.80 14.57
C PHE C 98 -5.18 -18.35 13.60
N ASP C 99 -4.55 -19.44 14.01
CA ASP C 99 -3.60 -20.13 13.12
C ASP C 99 -4.28 -20.51 11.78
N TRP C 100 -5.49 -21.07 11.88
CA TRP C 100 -6.24 -21.56 10.73
C TRP C 100 -6.62 -20.44 9.79
N ILE C 101 -7.19 -19.36 10.34
CA ILE C 101 -7.42 -18.14 9.59
C ILE C 101 -6.15 -17.65 8.88
N ARG C 102 -5.04 -17.59 9.63
CA ARG C 102 -3.78 -17.13 9.07
C ARG C 102 -3.36 -18.05 7.93
N GLU C 103 -3.41 -19.36 8.17
CA GLU C 103 -3.04 -20.33 7.11
C GLU C 103 -3.83 -20.06 5.85
N LEU C 104 -5.17 -19.99 5.98
CA LEU C 104 -6.04 -19.79 4.80
C LEU C 104 -5.71 -18.50 4.05
N HIS C 105 -5.40 -17.46 4.81
CA HIS C 105 -5.12 -16.20 4.16
C HIS C 105 -3.84 -16.35 3.32
N LEU C 106 -2.84 -17.00 3.92
CA LEU C 106 -1.52 -17.14 3.28
C LEU C 106 -1.63 -18.09 2.10
N LYS C 107 -2.50 -19.10 2.18
CA LYS C 107 -2.92 -19.91 0.99
C LYS C 107 -3.70 -19.18 -0.12
N GLY C 108 -4.09 -17.93 0.07
CA GLY C 108 -4.82 -17.20 -0.98
C GLY C 108 -6.34 -17.03 -0.78
N SER C 109 -6.88 -17.48 0.35
CA SER C 109 -8.34 -17.22 0.63
C SER C 109 -8.66 -15.74 0.73
N LYS C 110 -9.82 -15.33 0.24
CA LYS C 110 -10.42 -14.06 0.65
C LYS C 110 -10.92 -14.17 2.07
N ILE C 111 -10.57 -13.20 2.91
CA ILE C 111 -11.06 -13.17 4.29
C ILE C 111 -12.04 -12.00 4.44
N VAL C 112 -13.28 -12.32 4.74
CA VAL C 112 -14.29 -11.30 4.88
C VAL C 112 -14.72 -11.25 6.34
N ALA C 113 -14.47 -10.13 7.01
CA ALA C 113 -14.74 -10.06 8.46
C ALA C 113 -15.88 -9.05 8.68
N ILE C 114 -16.93 -9.48 9.40
CA ILE C 114 -18.07 -8.60 9.56
C ILE C 114 -18.31 -8.20 11.05
N ASP C 115 -18.79 -6.97 11.29
CA ASP C 115 -19.10 -6.51 12.65
C ASP C 115 -17.85 -6.74 13.50
N THR C 116 -18.00 -7.20 14.74
CA THR C 116 -16.82 -7.39 15.60
C THR C 116 -15.92 -8.52 15.18
N GLY C 117 -16.32 -9.29 14.14
CA GLY C 117 -15.37 -10.24 13.47
C GLY C 117 -14.09 -9.53 13.04
N ILE C 118 -14.22 -8.23 12.75
CA ILE C 118 -13.05 -7.36 12.47
C ILE C 118 -11.95 -7.48 13.54
N PHE C 119 -12.35 -7.60 14.83
CA PHE C 119 -11.41 -7.77 15.91
C PHE C 119 -10.58 -9.04 15.75
N VAL C 120 -11.19 -10.09 15.21
CA VAL C 120 -10.48 -11.36 15.01
C VAL C 120 -9.38 -11.26 13.93
N VAL C 121 -9.68 -10.67 12.79
CA VAL C 121 -8.63 -10.56 11.75
C VAL C 121 -7.53 -9.55 12.15
N ALA C 122 -7.88 -8.58 13.01
CA ALA C 122 -6.85 -7.68 13.57
C ALA C 122 -5.90 -8.45 14.44
N LYS C 123 -6.45 -9.21 15.38
CA LYS C 123 -5.64 -10.05 16.28
C LYS C 123 -4.80 -11.08 15.52
N ALA C 124 -5.37 -11.63 14.43
CA ALA C 124 -4.71 -12.66 13.68
C ALA C 124 -3.53 -12.10 12.88
N GLY C 125 -3.42 -10.79 12.78
CA GLY C 125 -2.34 -10.14 12.06
C GLY C 125 -2.57 -9.98 10.57
N LEU C 126 -3.80 -9.94 10.11
CA LEU C 126 -4.04 -9.89 8.64
C LEU C 126 -4.04 -8.50 7.98
N LEU C 127 -4.06 -7.44 8.78
CA LEU C 127 -4.19 -6.09 8.23
C LEU C 127 -2.79 -5.52 7.99
N GLN C 128 -2.17 -5.91 6.89
CA GLN C 128 -0.80 -5.48 6.66
C GLN C 128 -0.67 -3.97 6.38
N GLN C 129 -1.75 -3.33 5.94
CA GLN C 129 -1.71 -1.89 5.77
C GLN C 129 -2.10 -1.12 7.03
N ASN C 130 -2.30 -1.83 8.14
CA ASN C 130 -2.52 -1.17 9.45
C ASN C 130 -3.70 -0.20 9.53
N LYS C 131 -4.72 -0.48 8.73
CA LYS C 131 -5.94 0.29 8.72
C LYS C 131 -7.14 -0.66 8.93
N ALA C 132 -8.19 -0.12 9.54
CA ALA C 132 -9.41 -0.89 9.77
C ALA C 132 -10.60 0.08 9.87
N VAL C 133 -11.81 -0.48 9.93
CA VAL C 133 -13.02 0.30 10.21
C VAL C 133 -13.66 -0.33 11.44
N MET C 134 -14.46 0.44 12.18
CA MET C 134 -15.20 -0.12 13.31
C MET C 134 -16.27 0.86 13.77
N HIS C 135 -17.42 0.34 14.17
CA HIS C 135 -18.50 1.17 14.71
C HIS C 135 -17.97 2.09 15.79
N SER C 136 -18.54 3.29 15.89
CA SER C 136 -18.03 4.24 16.87
C SER C 136 -18.01 3.66 18.26
N TYR C 137 -18.98 2.82 18.61
CA TYR C 137 -19.03 2.43 20.03
C TYR C 137 -18.04 1.38 20.47
N PHE C 138 -17.49 0.63 19.51
CA PHE C 138 -16.36 -0.24 19.82
C PHE C 138 -14.98 0.32 19.35
N ALA C 139 -14.94 1.57 18.86
CA ALA C 139 -13.71 2.17 18.33
C ALA C 139 -12.65 2.31 19.40
N HIS C 140 -13.07 2.75 20.60
CA HIS C 140 -12.15 2.95 21.68
C HIS C 140 -11.52 1.61 22.14
N LEU C 141 -12.34 0.59 22.37
CA LEU C 141 -11.86 -0.75 22.68
C LEU C 141 -10.88 -1.23 21.63
N PHE C 142 -11.25 -1.08 20.36
CA PHE C 142 -10.40 -1.50 19.25
C PHE C 142 -9.02 -0.83 19.35
N GLY C 143 -9.03 0.49 19.48
CA GLY C 143 -7.81 1.26 19.71
C GLY C 143 -6.97 0.80 20.90
N GLU C 144 -7.59 0.43 22.01
CA GLU C 144 -6.83 -0.12 23.15
C GLU C 144 -6.13 -1.47 22.83
N LEU C 145 -6.80 -2.32 22.07
CA LEU C 145 -6.24 -3.64 21.77
C LEU C 145 -5.20 -3.57 20.65
N PHE C 146 -5.38 -2.60 19.76
CA PHE C 146 -4.63 -2.56 18.52
C PHE C 146 -4.17 -1.13 18.25
N PRO C 147 -3.26 -0.64 19.11
CA PRO C 147 -2.79 0.78 19.06
C PRO C 147 -2.21 1.18 17.69
N GLU C 148 -1.53 0.26 17.05
CA GLU C 148 -0.86 0.53 15.78
C GLU C 148 -1.82 0.65 14.60
N ILE C 149 -3.08 0.24 14.76
CA ILE C 149 -3.99 0.20 13.63
C ILE C 149 -4.86 1.45 13.57
N MET C 150 -4.84 2.10 12.42
CA MET C 150 -5.53 3.33 12.26
C MET C 150 -6.97 3.06 11.84
N LEU C 151 -7.93 3.57 12.61
CA LEU C 151 -9.33 3.42 12.25
C LEU C 151 -9.72 4.48 11.24
N MET C 152 -10.41 4.06 10.19
CA MET C 152 -10.95 4.97 9.21
C MET C 152 -12.40 5.33 9.56
N THR C 153 -12.54 6.32 10.43
CA THR C 153 -13.84 6.88 10.89
C THR C 153 -14.92 7.20 9.86
N GLU C 154 -14.48 7.54 8.65
CA GLU C 154 -15.40 7.93 7.59
C GLU C 154 -16.15 6.76 6.92
N GLN C 155 -15.58 5.54 6.99
CA GLN C 155 -16.04 4.40 6.16
C GLN C 155 -16.71 3.26 6.94
N LYS C 156 -17.58 2.51 6.27
CA LYS C 156 -18.14 1.30 6.88
C LYS C 156 -17.42 0.02 6.41
N ALA C 157 -16.68 0.10 5.30
CA ALA C 157 -16.00 -1.05 4.72
C ALA C 157 -14.63 -0.64 4.26
N LEU C 158 -13.71 -1.61 4.26
CA LEU C 158 -12.33 -1.42 3.81
C LEU C 158 -11.76 -2.72 3.20
N ILE C 159 -10.99 -2.57 2.12
CA ILE C 159 -10.29 -3.71 1.50
C ILE C 159 -8.79 -3.56 1.71
N ASP C 160 -8.17 -4.59 2.21
CA ASP C 160 -6.72 -4.60 2.34
C ASP C 160 -6.21 -5.88 1.66
N GLY C 161 -5.90 -5.76 0.37
CA GLY C 161 -5.48 -6.91 -0.43
C GLY C 161 -6.58 -7.94 -0.57
N ASN C 162 -6.41 -9.11 0.06
CA ASN C 162 -7.46 -10.15 0.08
C ASN C 162 -8.35 -10.09 1.32
N VAL C 163 -8.16 -9.06 2.13
CA VAL C 163 -8.97 -8.95 3.36
C VAL C 163 -10.10 -7.92 3.22
N TYR C 164 -11.34 -8.32 3.44
CA TYR C 164 -12.43 -7.37 3.33
C TYR C 164 -13.03 -7.15 4.71
N LEU C 165 -13.23 -5.88 5.12
CA LEU C 165 -13.86 -5.56 6.40
C LEU C 165 -15.19 -4.87 6.15
N SER C 166 -16.20 -5.29 6.90
CA SER C 166 -17.48 -4.64 6.84
C SER C 166 -18.04 -4.47 8.25
N SER C 167 -18.24 -3.24 8.72
CA SER C 167 -18.87 -2.99 10.06
C SER C 167 -20.33 -3.45 10.30
N GLY C 168 -21.24 -3.15 9.38
CA GLY C 168 -22.63 -3.65 9.59
C GLY C 168 -23.34 -2.89 10.73
N PRO C 169 -23.79 -3.61 11.82
CA PRO C 169 -23.68 -5.06 12.05
C PRO C 169 -24.52 -5.88 11.07
N TYR C 170 -25.44 -5.24 10.36
CA TYR C 170 -26.37 -6.00 9.50
C TYR C 170 -26.27 -5.82 7.99
N SER C 171 -25.89 -4.62 7.57
CA SER C 171 -25.93 -4.26 6.17
C SER C 171 -24.55 -4.49 5.54
N HIS C 172 -24.37 -5.64 4.90
CA HIS C 172 -23.08 -5.99 4.37
C HIS C 172 -23.14 -6.16 2.85
N SER C 173 -24.14 -5.53 2.25
CA SER C 173 -24.47 -5.73 0.80
C SER C 173 -23.31 -5.49 -0.12
N SER C 174 -22.57 -4.40 0.13
CA SER C 174 -21.55 -3.99 -0.81
C SER C 174 -20.35 -4.91 -0.83
N VAL C 175 -19.92 -5.43 0.31
CA VAL C 175 -18.84 -6.40 0.28
C VAL C 175 -19.30 -7.74 -0.34
N MET C 176 -20.49 -8.24 0.04
CA MET C 176 -20.96 -9.52 -0.52
C MET C 176 -21.14 -9.37 -2.05
N LEU C 177 -21.66 -8.24 -2.49
CA LEU C 177 -21.85 -7.98 -3.93
C LEU C 177 -20.52 -7.78 -4.66
N GLU C 178 -19.56 -7.17 -3.99
CA GLU C 178 -18.18 -7.20 -4.47
C GLU C 178 -17.69 -8.63 -4.68
N ILE C 179 -17.87 -9.49 -3.67
CA ILE C 179 -17.52 -10.91 -3.80
C ILE C 179 -18.34 -11.54 -4.94
N VAL C 180 -19.63 -11.22 -5.02
CA VAL C 180 -20.47 -11.77 -6.09
C VAL C 180 -19.88 -11.48 -7.46
N GLU C 181 -19.47 -10.23 -7.67
CA GLU C 181 -18.98 -9.79 -8.98
C GLU C 181 -17.73 -10.54 -9.41
N GLU C 182 -16.73 -10.56 -8.54
CA GLU C 182 -15.53 -11.29 -8.83
C GLU C 182 -15.86 -12.66 -9.33
N TYR C 183 -16.85 -13.31 -8.73
CA TYR C 183 -16.98 -14.76 -8.90
C TYR C 183 -18.07 -15.18 -9.85
N PHE C 184 -19.07 -14.33 -9.99
CA PHE C 184 -20.22 -14.66 -10.83
C PHE C 184 -20.44 -13.60 -11.92
N GLY C 185 -19.62 -12.55 -11.90
CA GLY C 185 -19.66 -11.50 -12.90
C GLY C 185 -20.74 -10.47 -12.64
N LYS C 186 -20.53 -9.28 -13.20
CA LYS C 186 -21.43 -8.13 -13.04
C LYS C 186 -22.86 -8.38 -13.47
N HIS C 187 -23.05 -9.18 -14.51
CA HIS C 187 -24.41 -9.52 -14.89
C HIS C 187 -25.21 -9.81 -13.63
N THR C 188 -24.75 -10.77 -12.83
CA THR C 188 -25.50 -11.22 -11.65
C THR C 188 -25.44 -10.19 -10.51
N ARG C 189 -24.27 -9.58 -10.34
CA ARG C 189 -24.09 -8.51 -9.36
C ARG C 189 -25.07 -7.39 -9.66
N LYS D 7 -44.54 -5.97 32.81
CA LYS D 7 -43.60 -6.86 33.53
C LYS D 7 -43.03 -7.93 32.62
N ASN D 8 -43.85 -8.47 31.71
CA ASN D 8 -43.37 -9.46 30.76
C ASN D 8 -43.76 -9.15 29.30
N LEU D 9 -42.93 -9.56 28.35
CA LEU D 9 -43.21 -9.30 26.94
C LEU D 9 -42.81 -10.53 26.14
N ARG D 10 -43.63 -10.88 25.16
CA ARG D 10 -43.34 -12.06 24.38
C ARG D 10 -43.31 -11.75 22.91
N VAL D 11 -42.29 -12.28 22.23
CA VAL D 11 -42.23 -12.20 20.80
C VAL D 11 -42.24 -13.63 20.24
N VAL D 12 -43.14 -13.91 19.31
CA VAL D 12 -43.09 -15.16 18.59
C VAL D 12 -42.75 -14.83 17.14
N ALA D 13 -41.78 -15.57 16.58
CA ALA D 13 -41.30 -15.30 15.23
C ALA D 13 -41.52 -16.51 14.37
N LEU D 14 -42.39 -16.37 13.39
CA LEU D 14 -42.71 -17.46 12.51
C LEU D 14 -41.76 -17.41 11.34
N ALA D 15 -40.98 -18.48 11.20
CA ALA D 15 -39.99 -18.60 10.08
C ALA D 15 -40.37 -19.71 9.07
N PRO D 16 -41.07 -19.31 7.99
CA PRO D 16 -41.60 -20.33 7.10
C PRO D 16 -40.55 -21.13 6.31
N THR D 17 -39.36 -20.58 6.06
CA THR D 17 -38.42 -21.35 5.26
C THR D 17 -36.94 -21.12 5.58
N GLY D 18 -36.21 -22.20 5.63
CA GLY D 18 -34.75 -22.15 5.85
C GLY D 18 -33.98 -21.51 4.71
N ARG D 19 -34.61 -21.37 3.55
CA ARG D 19 -33.95 -20.64 2.43
C ARG D 19 -33.74 -19.14 2.73
N TYR D 20 -34.65 -18.56 3.52
CA TYR D 20 -34.63 -17.11 3.83
C TYR D 20 -35.18 -16.86 5.23
N PHE D 21 -34.32 -17.04 6.22
CA PHE D 21 -34.73 -16.87 7.59
C PHE D 21 -33.78 -15.96 8.38
N ALA D 22 -32.67 -15.52 7.75
CA ALA D 22 -31.77 -14.55 8.40
C ALA D 22 -32.48 -13.32 8.90
N SER D 23 -33.47 -12.85 8.14
CA SER D 23 -34.16 -11.63 8.55
C SER D 23 -35.00 -11.78 9.83
N ILE D 24 -35.43 -13.00 10.13
CA ILE D 24 -36.11 -13.32 11.40
C ILE D 24 -35.08 -13.31 12.52
N ILE D 25 -33.95 -13.96 12.27
CA ILE D 25 -32.89 -13.94 13.28
C ILE D 25 -32.41 -12.52 13.56
N SER D 26 -32.21 -11.68 12.53
CA SER D 26 -31.76 -10.30 12.79
C SER D 26 -32.78 -9.53 13.60
N SER D 27 -34.07 -9.75 13.31
CA SER D 27 -35.10 -9.08 14.07
C SER D 27 -35.06 -9.39 15.56
N LEU D 28 -34.85 -10.65 15.96
CA LEU D 28 -34.79 -11.02 17.38
C LEU D 28 -33.49 -10.51 18.01
N GLU D 29 -32.43 -10.51 17.21
CA GLU D 29 -31.18 -9.92 17.67
C GLU D 29 -31.36 -8.44 17.99
N ILE D 30 -32.03 -7.71 17.11
CA ILE D 30 -32.28 -6.28 17.36
C ILE D 30 -33.21 -6.06 18.59
N LEU D 31 -34.34 -6.76 18.58
CA LEU D 31 -35.29 -6.64 19.68
C LEU D 31 -34.68 -7.00 21.00
N GLU D 32 -33.93 -8.10 21.06
CA GLU D 32 -33.36 -8.48 22.34
C GLU D 32 -32.28 -7.51 22.78
N THR D 33 -31.50 -7.05 21.80
CA THR D 33 -30.47 -6.09 22.14
C THR D 33 -31.04 -4.84 22.78
N ALA D 34 -32.12 -4.34 22.18
CA ALA D 34 -32.91 -3.23 22.70
C ALA D 34 -33.45 -3.47 24.12
N ALA D 35 -34.05 -4.65 24.33
CA ALA D 35 -34.51 -5.01 25.69
C ALA D 35 -33.38 -4.92 26.73
N GLU D 36 -32.19 -5.43 26.35
CA GLU D 36 -30.97 -5.28 27.18
C GLU D 36 -30.63 -3.78 27.46
N PHE D 37 -30.70 -2.91 26.45
CA PHE D 37 -30.47 -1.46 26.69
C PHE D 37 -31.50 -0.84 27.65
N ALA D 38 -32.73 -1.34 27.58
CA ALA D 38 -33.79 -0.90 28.46
C ALA D 38 -33.61 -1.47 29.86
N GLU D 39 -32.66 -2.39 30.01
CA GLU D 39 -32.52 -3.17 31.22
C GLU D 39 -33.91 -3.80 31.56
N PHE D 40 -34.61 -4.29 30.53
CA PHE D 40 -35.88 -5.00 30.72
C PHE D 40 -35.62 -6.50 30.84
N GLN D 41 -36.08 -7.07 31.94
CA GLN D 41 -35.77 -8.45 32.30
C GLN D 41 -36.80 -9.52 31.84
N GLY D 42 -38.06 -9.15 31.62
CA GLY D 42 -39.07 -10.16 31.26
C GLY D 42 -39.38 -10.27 29.78
N PHE D 43 -38.35 -10.19 28.96
CA PHE D 43 -38.52 -10.24 27.53
C PHE D 43 -38.24 -11.66 27.05
N MET D 44 -39.15 -12.24 26.28
CA MET D 44 -38.95 -13.62 25.85
C MET D 44 -39.30 -13.78 24.39
N THR D 45 -38.47 -14.44 23.63
CA THR D 45 -38.75 -14.57 22.21
C THR D 45 -38.71 -16.08 21.83
N HIS D 46 -39.37 -16.47 20.74
CA HIS D 46 -39.39 -17.88 20.36
C HIS D 46 -39.48 -17.95 18.83
N VAL D 47 -38.59 -18.70 18.19
CA VAL D 47 -38.78 -19.03 16.77
C VAL D 47 -39.68 -20.28 16.65
N VAL D 48 -40.62 -20.23 15.71
CA VAL D 48 -41.48 -21.36 15.40
C VAL D 48 -41.54 -21.48 13.89
N THR D 49 -41.81 -22.71 13.42
CA THR D 49 -41.88 -23.03 12.02
C THR D 49 -43.29 -23.58 11.71
N PRO D 50 -43.73 -23.42 10.47
CA PRO D 50 -45.13 -23.70 10.16
C PRO D 50 -45.56 -25.18 10.45
N ASN D 51 -44.63 -26.14 10.32
CA ASN D 51 -44.92 -27.55 10.57
C ASN D 51 -44.19 -28.02 11.81
N ASN D 52 -43.60 -27.06 12.53
CA ASN D 52 -42.86 -27.39 13.76
C ASN D 52 -41.67 -28.36 13.53
N ARG D 53 -41.22 -28.46 12.29
CA ARG D 53 -39.97 -29.14 11.94
C ARG D 53 -38.79 -28.18 11.94
N PRO D 54 -37.56 -28.72 11.97
CA PRO D 54 -36.37 -27.89 11.90
C PRO D 54 -36.34 -27.15 10.58
N LEU D 55 -35.69 -25.99 10.54
CA LEU D 55 -35.38 -25.33 9.29
C LEU D 55 -34.10 -25.93 8.73
N ILE D 56 -34.09 -26.17 7.43
CA ILE D 56 -32.87 -26.56 6.79
C ILE D 56 -32.31 -25.27 6.12
N GLY D 57 -31.21 -24.75 6.68
CA GLY D 57 -30.64 -23.47 6.25
C GLY D 57 -29.50 -23.67 5.26
N ARG D 58 -28.86 -22.58 4.83
CA ARG D 58 -27.70 -22.66 3.92
C ARG D 58 -26.45 -23.10 4.70
N GLY D 59 -25.46 -23.62 3.99
CA GLY D 59 -24.17 -23.90 4.63
C GLY D 59 -24.25 -25.13 5.49
N GLY D 60 -25.31 -25.91 5.28
CA GLY D 60 -25.40 -27.21 5.87
C GLY D 60 -25.86 -27.18 7.32
N ILE D 61 -26.63 -26.17 7.69
CA ILE D 61 -27.07 -26.12 9.07
C ILE D 61 -28.53 -26.60 9.18
N SER D 62 -28.88 -27.09 10.37
CA SER D 62 -30.28 -27.36 10.68
C SER D 62 -30.67 -26.50 11.93
N VAL D 63 -31.88 -25.93 11.98
CA VAL D 63 -32.30 -25.05 13.08
C VAL D 63 -33.48 -25.67 13.83
N GLN D 64 -33.22 -26.13 15.04
CA GLN D 64 -34.20 -26.87 15.82
C GLN D 64 -34.90 -25.91 16.80
N PRO D 65 -36.17 -25.60 16.56
CA PRO D 65 -36.85 -24.79 17.55
C PRO D 65 -37.15 -25.59 18.84
N THR D 66 -37.58 -24.90 19.87
CA THR D 66 -37.94 -25.59 21.10
C THR D 66 -39.38 -25.21 21.54
N ALA D 67 -40.18 -24.65 20.65
CA ALA D 67 -41.67 -24.52 20.91
C ALA D 67 -42.44 -24.75 19.63
N GLN D 68 -43.69 -25.17 19.75
CA GLN D 68 -44.59 -25.32 18.63
C GLN D 68 -45.48 -24.09 18.55
N TRP D 69 -45.87 -23.70 17.32
CA TRP D 69 -46.67 -22.48 17.23
C TRP D 69 -47.99 -22.60 18.03
N GLN D 70 -48.60 -23.80 17.95
CA GLN D 70 -49.92 -24.04 18.60
C GLN D 70 -49.83 -23.85 20.13
N SER D 71 -48.61 -23.81 20.69
CA SER D 71 -48.44 -23.57 22.12
CA SER D 71 -48.47 -23.58 22.13
C SER D 71 -48.65 -22.12 22.50
N PHE D 72 -48.76 -21.25 21.51
CA PHE D 72 -48.95 -19.84 21.84
C PHE D 72 -50.40 -19.42 21.59
N ASP D 73 -51.06 -18.98 22.67
CA ASP D 73 -52.44 -18.47 22.61
C ASP D 73 -52.48 -16.93 22.67
N PHE D 74 -51.32 -16.32 22.89
CA PHE D 74 -51.16 -14.84 22.95
C PHE D 74 -49.67 -14.50 22.76
N THR D 75 -49.40 -13.36 22.13
CA THR D 75 -48.05 -12.78 22.09
C THR D 75 -48.20 -11.26 21.95
N ASN D 76 -47.18 -10.53 22.40
CA ASN D 76 -47.18 -9.09 22.31
C ASN D 76 -46.83 -8.70 20.88
N ILE D 77 -45.89 -9.43 20.29
CA ILE D 77 -45.47 -9.22 18.91
C ILE D 77 -45.33 -10.55 18.23
N LEU D 78 -45.80 -10.60 16.99
CA LEU D 78 -45.68 -11.78 16.19
C LEU D 78 -45.01 -11.31 14.93
N ILE D 79 -43.92 -11.99 14.57
CA ILE D 79 -43.21 -11.65 13.36
C ILE D 79 -43.41 -12.74 12.36
N ILE D 80 -43.77 -12.34 11.14
CA ILE D 80 -43.90 -13.31 10.06
C ILE D 80 -42.79 -13.07 9.01
N GLY D 81 -41.96 -14.09 8.81
CA GLY D 81 -40.79 -13.97 7.95
C GLY D 81 -41.11 -14.30 6.50
N SER D 82 -40.06 -14.33 5.69
CA SER D 82 -40.08 -14.66 4.31
C SER D 82 -40.68 -16.07 4.04
N ILE D 83 -41.52 -16.10 3.00
CA ILE D 83 -42.06 -17.34 2.49
C ILE D 83 -41.38 -17.72 1.17
N GLY D 84 -40.26 -17.08 0.84
CA GLY D 84 -39.56 -17.33 -0.42
C GLY D 84 -40.40 -16.73 -1.53
N ASP D 85 -40.49 -17.46 -2.64
CA ASP D 85 -41.42 -17.14 -3.73
C ASP D 85 -42.87 -17.51 -3.38
N PRO D 86 -43.73 -16.51 -3.19
CA PRO D 86 -45.12 -16.83 -2.82
C PRO D 86 -45.87 -17.67 -3.88
N LEU D 87 -45.33 -17.68 -5.10
CA LEU D 87 -45.98 -18.37 -6.18
C LEU D 87 -46.02 -19.84 -5.83
N GLU D 88 -44.93 -20.34 -5.29
CA GLU D 88 -44.87 -21.73 -4.87
C GLU D 88 -45.38 -21.95 -3.47
N SER D 89 -45.27 -20.95 -2.59
CA SER D 89 -45.45 -21.22 -1.17
C SER D 89 -46.77 -20.75 -0.56
N LEU D 90 -47.37 -19.70 -1.11
CA LEU D 90 -48.45 -19.07 -0.41
C LEU D 90 -49.62 -19.99 -0.17
N ASP D 91 -49.98 -20.75 -1.20
CA ASP D 91 -51.15 -21.61 -1.15
C ASP D 91 -50.95 -22.88 -0.33
N LYS D 92 -49.69 -23.19 -0.03
CA LYS D 92 -49.34 -24.44 0.63
C LYS D 92 -49.28 -24.25 2.14
N ILE D 93 -49.53 -23.02 2.58
CA ILE D 93 -49.53 -22.72 3.99
C ILE D 93 -50.76 -23.29 4.69
N ASP D 94 -50.51 -24.09 5.70
CA ASP D 94 -51.59 -24.64 6.52
C ASP D 94 -52.62 -23.55 6.82
N PRO D 95 -53.89 -23.76 6.44
CA PRO D 95 -54.87 -22.70 6.72
C PRO D 95 -55.04 -22.43 8.21
N ALA D 96 -54.76 -23.41 9.05
CA ALA D 96 -54.87 -23.20 10.50
C ALA D 96 -53.87 -22.13 10.99
N LEU D 97 -52.83 -21.87 10.18
CA LEU D 97 -51.87 -20.80 10.48
C LEU D 97 -52.53 -19.47 10.27
N PHE D 98 -53.34 -19.33 9.23
CA PHE D 98 -54.04 -18.08 9.01
C PHE D 98 -54.99 -17.74 10.16
N ASP D 99 -55.71 -18.73 10.69
CA ASP D 99 -56.61 -18.49 11.83
C ASP D 99 -55.83 -18.02 13.04
N TRP D 100 -54.69 -18.66 13.28
CA TRP D 100 -53.81 -18.32 14.39
C TRP D 100 -53.36 -16.86 14.33
N ILE D 101 -52.89 -16.44 13.17
CA ILE D 101 -52.49 -15.05 13.01
C ILE D 101 -53.64 -14.10 13.30
N ARG D 102 -54.81 -14.46 12.77
CA ARG D 102 -55.99 -13.62 12.93
C ARG D 102 -56.44 -13.59 14.39
N GLU D 103 -56.45 -14.76 15.02
CA GLU D 103 -56.68 -14.85 16.48
C GLU D 103 -55.72 -13.95 17.28
N LEU D 104 -54.40 -14.12 17.05
CA LEU D 104 -53.42 -13.29 17.76
C LEU D 104 -53.64 -11.83 17.50
N HIS D 105 -53.97 -11.47 16.25
CA HIS D 105 -54.27 -10.07 15.97
C HIS D 105 -55.50 -9.57 16.75
N LEU D 106 -56.55 -10.39 16.81
CA LEU D 106 -57.75 -9.93 17.48
C LEU D 106 -57.51 -9.70 18.96
N LYS D 107 -56.61 -10.50 19.53
CA LYS D 107 -56.23 -10.37 20.92
C LYS D 107 -55.29 -9.21 21.20
N GLY D 108 -54.83 -8.51 20.18
CA GLY D 108 -54.05 -7.30 20.43
C GLY D 108 -52.55 -7.38 20.11
N SER D 109 -52.09 -8.53 19.62
CA SER D 109 -50.70 -8.62 19.18
C SER D 109 -50.34 -7.65 18.10
N LYS D 110 -49.14 -7.09 18.17
CA LYS D 110 -48.59 -6.47 16.98
C LYS D 110 -48.26 -7.53 15.96
N ILE D 111 -48.58 -7.27 14.70
CA ILE D 111 -48.26 -8.22 13.67
C ILE D 111 -47.25 -7.61 12.73
N VAL D 112 -46.04 -8.20 12.66
CA VAL D 112 -44.99 -7.58 11.91
C VAL D 112 -44.63 -8.52 10.79
N ALA D 113 -44.75 -8.05 9.54
CA ALA D 113 -44.49 -8.89 8.41
C ALA D 113 -43.32 -8.39 7.60
N ILE D 114 -42.34 -9.25 7.36
CA ILE D 114 -41.13 -8.80 6.65
C ILE D 114 -40.90 -9.63 5.36
N ASP D 115 -40.33 -8.98 4.35
CA ASP D 115 -40.09 -9.62 3.09
C ASP D 115 -41.42 -10.18 2.58
N THR D 116 -41.41 -11.37 1.98
CA THR D 116 -42.65 -11.93 1.42
C THR D 116 -43.63 -12.43 2.49
N GLY D 117 -43.26 -12.30 3.76
CA GLY D 117 -44.22 -12.52 4.83
C GLY D 117 -45.39 -11.56 4.70
N ILE D 118 -45.17 -10.44 4.01
CA ILE D 118 -46.23 -9.46 3.75
C ILE D 118 -47.42 -10.10 2.98
N PHE D 119 -47.12 -11.05 2.10
CA PHE D 119 -48.17 -11.79 1.36
C PHE D 119 -49.07 -12.55 2.28
N VAL D 120 -48.44 -13.15 3.29
CA VAL D 120 -49.16 -13.89 4.29
C VAL D 120 -50.21 -13.03 4.95
N VAL D 121 -49.81 -11.87 5.48
CA VAL D 121 -50.75 -11.03 6.23
C VAL D 121 -51.82 -10.39 5.31
N ALA D 122 -51.48 -10.17 4.05
CA ALA D 122 -52.48 -9.69 3.08
C ALA D 122 -53.54 -10.78 2.89
N LYS D 123 -53.10 -12.01 2.65
CA LYS D 123 -53.99 -13.14 2.55
C LYS D 123 -54.83 -13.32 3.81
N ALA D 124 -54.26 -12.99 4.99
CA ALA D 124 -54.97 -13.22 6.26
C ALA D 124 -56.10 -12.22 6.40
N GLY D 125 -56.02 -11.13 5.65
CA GLY D 125 -57.09 -10.13 5.61
C GLY D 125 -56.85 -9.05 6.63
N LEU D 126 -55.61 -8.93 7.10
CA LEU D 126 -55.32 -7.98 8.18
C LEU D 126 -55.10 -6.51 7.73
N LEU D 127 -54.95 -6.29 6.43
CA LEU D 127 -54.69 -4.93 5.93
C LEU D 127 -55.99 -4.14 5.70
N GLN D 128 -56.57 -3.62 6.80
CA GLN D 128 -57.88 -2.98 6.73
C GLN D 128 -57.89 -1.71 5.88
N GLN D 129 -56.81 -0.92 5.90
CA GLN D 129 -56.76 0.28 5.08
C GLN D 129 -56.40 0.00 3.63
N ASN D 130 -56.33 -1.27 3.28
CA ASN D 130 -55.98 -1.65 1.92
C ASN D 130 -54.73 -1.03 1.31
N LYS D 131 -53.73 -0.74 2.13
CA LYS D 131 -52.44 -0.37 1.56
C LYS D 131 -51.33 -1.35 1.98
N ALA D 132 -50.25 -1.39 1.21
CA ALA D 132 -49.12 -2.27 1.49
C ALA D 132 -47.83 -1.83 0.80
N VAL D 133 -46.77 -2.57 1.02
CA VAL D 133 -45.50 -2.29 0.39
C VAL D 133 -44.90 -3.63 -0.02
N MET D 134 -44.13 -3.63 -1.10
CA MET D 134 -43.43 -4.83 -1.53
C MET D 134 -42.27 -4.38 -2.37
N HIS D 135 -41.13 -5.06 -2.20
CA HIS D 135 -39.97 -4.76 -3.01
C HIS D 135 -40.21 -5.18 -4.47
N SER D 136 -39.54 -4.52 -5.40
CA SER D 136 -39.88 -4.60 -6.85
C SER D 136 -40.13 -6.00 -7.41
N TYR D 137 -39.22 -6.92 -7.11
CA TYR D 137 -39.28 -8.32 -7.58
C TYR D 137 -40.64 -9.03 -7.38
N PHE D 138 -41.37 -8.70 -6.33
CA PHE D 138 -42.65 -9.37 -6.14
C PHE D 138 -43.85 -8.44 -6.19
N ALA D 139 -43.59 -7.16 -6.45
CA ALA D 139 -44.66 -6.17 -6.44
C ALA D 139 -45.79 -6.51 -7.42
N HIS D 140 -45.42 -6.90 -8.63
CA HIS D 140 -46.43 -7.22 -9.64
C HIS D 140 -47.17 -8.46 -9.26
N LEU D 141 -46.42 -9.48 -8.83
CA LEU D 141 -47.03 -10.69 -8.29
C LEU D 141 -48.02 -10.30 -7.22
N PHE D 142 -47.60 -9.40 -6.34
CA PHE D 142 -48.46 -8.92 -5.27
C PHE D 142 -49.73 -8.29 -5.85
N GLY D 143 -49.54 -7.41 -6.83
CA GLY D 143 -50.65 -6.70 -7.48
C GLY D 143 -51.68 -7.65 -8.06
N GLU D 144 -51.21 -8.76 -8.59
CA GLU D 144 -52.08 -9.77 -9.18
C GLU D 144 -52.89 -10.47 -8.12
N LEU D 145 -52.26 -10.83 -7.00
CA LEU D 145 -52.92 -11.65 -6.00
C LEU D 145 -53.91 -10.84 -5.19
N PHE D 146 -53.57 -9.59 -4.92
CA PHE D 146 -54.41 -8.70 -4.11
C PHE D 146 -54.59 -7.41 -4.89
N PRO D 147 -55.35 -7.48 -6.00
CA PRO D 147 -55.57 -6.31 -6.86
C PRO D 147 -56.31 -5.18 -6.13
N GLU D 148 -57.06 -5.51 -5.09
CA GLU D 148 -57.72 -4.49 -4.27
C GLU D 148 -56.77 -3.69 -3.33
N ILE D 149 -55.51 -4.08 -3.28
CA ILE D 149 -54.63 -3.45 -2.29
C ILE D 149 -53.67 -2.46 -2.93
N MET D 150 -53.76 -1.21 -2.48
CA MET D 150 -52.91 -0.14 -2.98
C MET D 150 -51.48 -0.29 -2.46
N LEU D 151 -50.53 -0.53 -3.36
CA LEU D 151 -49.12 -0.55 -2.98
C LEU D 151 -48.65 0.89 -2.81
N MET D 152 -47.82 1.14 -1.81
CA MET D 152 -47.22 2.46 -1.63
C MET D 152 -45.82 2.38 -2.18
N THR D 153 -45.62 2.92 -3.37
CA THR D 153 -44.40 2.66 -4.12
C THR D 153 -43.18 3.47 -3.67
N GLU D 154 -43.40 4.57 -2.96
CA GLU D 154 -42.25 5.33 -2.45
C GLU D 154 -41.81 4.93 -1.02
N GLN D 155 -42.41 3.87 -0.46
CA GLN D 155 -42.11 3.48 0.92
C GLN D 155 -41.52 2.09 1.00
N LYS D 156 -40.76 1.84 2.06
CA LYS D 156 -40.19 0.50 2.28
C LYS D 156 -40.90 -0.16 3.47
N ALA D 157 -41.59 0.65 4.26
CA ALA D 157 -42.30 0.16 5.42
C ALA D 157 -43.65 0.87 5.55
N LEU D 158 -44.58 0.25 6.27
CA LEU D 158 -45.89 0.83 6.46
C LEU D 158 -46.55 0.25 7.69
N ILE D 159 -47.27 1.10 8.41
CA ILE D 159 -48.00 0.68 9.59
C ILE D 159 -49.51 0.86 9.37
N ASP D 160 -50.29 -0.17 9.69
CA ASP D 160 -51.75 -0.13 9.56
C ASP D 160 -52.35 -0.64 10.87
N GLY D 161 -52.68 0.29 11.76
CA GLY D 161 -53.15 -0.08 13.09
C GLY D 161 -52.02 -0.79 13.83
N ASN D 162 -52.20 -2.08 14.07
CA ASN D 162 -51.22 -2.90 14.77
C ASN D 162 -50.46 -3.83 13.84
N VAL D 163 -50.56 -3.58 12.54
CA VAL D 163 -49.85 -4.35 11.54
C VAL D 163 -48.73 -3.51 10.96
N TYR D 164 -47.51 -4.04 11.00
CA TYR D 164 -46.34 -3.33 10.50
C TYR D 164 -45.71 -4.12 9.36
N LEU D 165 -45.46 -3.47 8.24
CA LEU D 165 -44.93 -4.16 7.07
C LEU D 165 -43.57 -3.64 6.81
N SER D 166 -42.67 -4.52 6.38
CA SER D 166 -41.33 -4.09 5.96
C SER D 166 -40.77 -4.88 4.76
N SER D 167 -40.59 -4.21 3.62
CA SER D 167 -40.09 -4.87 2.38
C SER D 167 -38.74 -5.58 2.44
N GLY D 168 -37.72 -4.90 2.98
CA GLY D 168 -36.37 -5.51 3.10
C GLY D 168 -35.74 -5.83 1.73
N PRO D 169 -35.34 -7.12 1.48
CA PRO D 169 -35.42 -8.32 2.33
C PRO D 169 -34.62 -8.30 3.64
N TYR D 170 -33.67 -7.41 3.80
CA TYR D 170 -32.79 -7.47 4.97
C TYR D 170 -32.82 -6.29 5.90
N SER D 171 -33.22 -5.16 5.35
CA SER D 171 -33.13 -3.97 6.12
C SER D 171 -34.49 -3.65 6.73
N HIS D 172 -34.63 -3.84 8.03
CA HIS D 172 -35.94 -3.64 8.72
C HIS D 172 -35.85 -2.68 9.89
N SER D 173 -34.78 -1.89 9.90
CA SER D 173 -34.57 -0.89 10.92
C SER D 173 -35.79 -0.08 11.25
N SER D 174 -36.46 0.46 10.24
CA SER D 174 -37.47 1.44 10.54
C SER D 174 -38.61 0.81 11.37
N VAL D 175 -39.06 -0.37 10.99
CA VAL D 175 -40.12 -1.02 11.76
C VAL D 175 -39.66 -1.54 13.12
N MET D 176 -38.50 -2.16 13.19
CA MET D 176 -38.05 -2.72 14.48
C MET D 176 -37.84 -1.60 15.51
N LEU D 177 -37.28 -0.49 15.03
CA LEU D 177 -37.00 0.65 15.90
C LEU D 177 -38.28 1.32 16.36
N GLU D 178 -39.28 1.34 15.49
CA GLU D 178 -40.55 1.88 15.89
C GLU D 178 -41.14 1.04 17.02
N ILE D 179 -41.07 -0.27 16.89
CA ILE D 179 -41.56 -1.12 17.93
C ILE D 179 -40.72 -0.96 19.22
N VAL D 180 -39.40 -0.86 19.08
CA VAL D 180 -38.56 -0.58 20.26
C VAL D 180 -39.05 0.66 21.01
N GLU D 181 -39.29 1.73 20.29
CA GLU D 181 -39.71 2.96 20.89
C GLU D 181 -41.04 2.80 21.62
N GLU D 182 -41.96 2.08 20.99
CA GLU D 182 -43.28 1.89 21.60
C GLU D 182 -43.18 1.21 22.93
N TYR D 183 -42.32 0.18 23.02
CA TYR D 183 -42.23 -0.56 24.26
C TYR D 183 -41.23 0.02 25.26
N PHE D 184 -40.13 0.59 24.78
CA PHE D 184 -39.04 0.94 25.67
C PHE D 184 -38.75 2.42 25.67
N GLY D 185 -39.32 3.18 24.74
CA GLY D 185 -39.18 4.64 24.74
C GLY D 185 -38.04 5.15 23.87
N LYS D 186 -37.89 6.47 23.79
CA LYS D 186 -37.03 7.06 22.77
C LYS D 186 -35.54 6.82 22.98
N HIS D 187 -35.08 6.80 24.25
CA HIS D 187 -33.66 6.58 24.49
C HIS D 187 -33.22 5.21 24.00
N THR D 188 -33.98 4.20 24.40
CA THR D 188 -33.75 2.80 23.98
C THR D 188 -33.82 2.76 22.45
N ARG D 189 -34.80 3.43 21.86
CA ARG D 189 -34.83 3.57 20.44
C ARG D 189 -33.54 4.18 19.87
N ASN D 190 -33.14 5.32 20.42
CA ASN D 190 -31.96 6.02 19.87
C ASN D 190 -30.68 5.17 20.02
N LEU D 191 -30.54 4.49 21.17
CA LEU D 191 -29.47 3.53 21.40
C LEU D 191 -29.51 2.43 20.36
N GLY D 192 -30.72 1.91 20.12
CA GLY D 192 -30.91 0.88 19.09
C GLY D 192 -30.42 1.40 17.75
N ASN D 193 -30.86 2.60 17.40
CA ASN D 193 -30.46 3.26 16.18
C ASN D 193 -28.93 3.50 16.09
N GLN D 194 -28.31 3.73 17.25
CA GLN D 194 -26.84 3.87 17.32
C GLN D 194 -26.15 2.50 17.13
N PHE D 195 -26.61 1.49 17.87
CA PHE D 195 -26.08 0.12 17.74
C PHE D 195 -26.05 -0.27 16.26
N LEU D 196 -27.04 0.19 15.51
CA LEU D 196 -27.19 -0.24 14.14
C LEU D 196 -26.29 0.57 13.22
N SER D 197 -25.70 1.64 13.74
CA SER D 197 -24.91 2.59 12.92
C SER D 197 -25.68 3.13 11.70
N LYS E 7 35.28 23.61 -3.11
CA LYS E 7 35.84 24.60 -4.08
C LYS E 7 34.72 25.58 -4.49
N ASN E 8 34.78 26.07 -5.72
CA ASN E 8 33.68 26.87 -6.21
C ASN E 8 32.63 25.88 -6.75
N LEU E 9 31.39 26.32 -6.91
CA LEU E 9 30.36 25.55 -7.62
C LEU E 9 29.79 26.43 -8.74
N ARG E 10 29.64 25.86 -9.94
CA ARG E 10 29.09 26.59 -11.10
C ARG E 10 27.80 25.91 -11.61
N VAL E 11 26.78 26.74 -11.86
CA VAL E 11 25.54 26.31 -12.52
C VAL E 11 25.34 27.13 -13.78
N VAL E 12 25.23 26.45 -14.90
CA VAL E 12 24.86 27.15 -16.11
C VAL E 12 23.43 26.69 -16.46
N ALA E 13 22.56 27.66 -16.79
CA ALA E 13 21.15 27.41 -17.13
C ALA E 13 20.85 27.95 -18.55
N LEU E 14 20.62 27.02 -19.46
CA LEU E 14 20.29 27.36 -20.80
C LEU E 14 18.80 27.63 -20.92
N ALA E 15 18.48 28.81 -21.41
CA ALA E 15 17.06 29.19 -21.60
C ALA E 15 16.73 29.30 -23.07
N PRO E 16 16.12 28.23 -23.63
CA PRO E 16 16.00 28.27 -25.07
C PRO E 16 14.86 29.13 -25.60
N THR E 17 13.88 29.53 -24.78
CA THR E 17 12.79 30.39 -25.32
C THR E 17 12.21 31.38 -24.29
N GLY E 18 12.10 32.65 -24.70
CA GLY E 18 11.48 33.70 -23.87
C GLY E 18 9.99 33.46 -23.67
N ARG E 19 9.40 32.54 -24.45
CA ARG E 19 7.98 32.17 -24.26
C ARG E 19 7.81 31.41 -22.95
N TYR E 20 8.80 30.59 -22.61
CA TYR E 20 8.72 29.78 -21.36
C TYR E 20 10.06 29.72 -20.64
N PHE E 21 10.37 30.71 -19.83
CA PHE E 21 11.71 30.77 -19.18
C PHE E 21 11.56 30.97 -17.70
N ALA E 22 10.33 31.11 -17.20
CA ALA E 22 10.14 31.37 -15.77
C ALA E 22 10.72 30.24 -14.94
N SER E 23 10.58 29.00 -15.42
CA SER E 23 11.07 27.82 -14.68
C SER E 23 12.59 27.74 -14.52
N ILE E 24 13.33 28.29 -15.49
CA ILE E 24 14.80 28.46 -15.30
C ILE E 24 15.09 29.48 -14.20
N ILE E 25 14.39 30.64 -14.24
CA ILE E 25 14.55 31.68 -13.23
C ILE E 25 14.17 31.19 -11.82
N SER E 26 13.07 30.48 -11.66
CA SER E 26 12.78 29.94 -10.33
C SER E 26 13.81 28.91 -9.83
N SER E 27 14.32 28.12 -10.74
CA SER E 27 15.37 27.15 -10.35
C SER E 27 16.59 27.85 -9.75
N LEU E 28 17.02 28.92 -10.42
CA LEU E 28 18.17 29.71 -9.93
C LEU E 28 17.86 30.41 -8.64
N GLU E 29 16.64 30.95 -8.51
CA GLU E 29 16.25 31.59 -7.23
C GLU E 29 16.33 30.57 -6.06
N ILE E 30 15.85 29.33 -6.29
CA ILE E 30 15.86 28.28 -5.28
C ILE E 30 17.29 27.90 -4.95
N LEU E 31 18.12 27.69 -5.95
CA LEU E 31 19.50 27.23 -5.70
C LEU E 31 20.39 28.32 -5.10
N GLU E 32 20.23 29.55 -5.57
CA GLU E 32 20.94 30.69 -4.96
C GLU E 32 20.51 30.95 -3.52
N THR E 33 19.23 30.79 -3.24
CA THR E 33 18.75 31.03 -1.92
C THR E 33 19.32 29.93 -0.97
N ALA E 34 19.37 28.69 -1.45
CA ALA E 34 19.91 27.60 -0.66
C ALA E 34 21.39 27.86 -0.39
N ALA E 35 22.15 28.27 -1.43
CA ALA E 35 23.58 28.58 -1.29
C ALA E 35 23.82 29.70 -0.30
N GLU E 36 22.91 30.68 -0.28
CA GLU E 36 23.10 31.80 0.65
C GLU E 36 22.71 31.45 2.11
N PHE E 37 21.66 30.67 2.32
CA PHE E 37 21.39 30.17 3.68
C PHE E 37 22.51 29.22 4.17
N ALA E 38 23.18 28.55 3.24
CA ALA E 38 24.23 27.62 3.66
C ALA E 38 25.50 28.41 3.80
N GLU E 39 25.43 29.70 3.50
CA GLU E 39 26.59 30.58 3.54
C GLU E 39 27.71 29.95 2.75
N PHE E 40 27.36 29.51 1.56
CA PHE E 40 28.30 28.94 0.61
C PHE E 40 28.74 30.07 -0.31
N GLN E 41 29.96 30.56 -0.14
CA GLN E 41 30.33 31.79 -0.85
C GLN E 41 30.89 31.62 -2.28
N GLY E 42 31.32 30.43 -2.68
CA GLY E 42 31.87 30.28 -4.04
C GLY E 42 30.83 29.96 -5.13
N PHE E 43 29.55 30.06 -4.79
CA PHE E 43 28.48 29.63 -5.69
C PHE E 43 28.15 30.63 -6.79
N MET E 44 28.16 30.21 -8.06
CA MET E 44 27.79 31.09 -9.12
C MET E 44 26.82 30.40 -10.07
N THR E 45 25.82 31.13 -10.56
CA THR E 45 24.93 30.59 -11.61
C THR E 45 24.98 31.51 -12.83
N HIS E 46 24.63 31.00 -14.00
CA HIS E 46 24.73 31.79 -15.24
C HIS E 46 23.57 31.43 -16.15
N VAL E 47 22.83 32.46 -16.61
CA VAL E 47 21.87 32.20 -17.64
C VAL E 47 22.50 32.38 -19.02
N VAL E 48 22.30 31.42 -19.91
CA VAL E 48 22.78 31.56 -21.25
C VAL E 48 21.63 31.31 -22.22
N THR E 49 21.70 31.91 -23.40
CA THR E 49 20.71 31.67 -24.47
C THR E 49 21.35 31.03 -25.69
N PRO E 50 20.53 30.34 -26.51
CA PRO E 50 21.11 29.51 -27.59
C PRO E 50 21.92 30.28 -28.53
N ASN E 51 21.55 31.52 -28.80
CA ASN E 51 22.33 32.34 -29.73
C ASN E 51 23.02 33.51 -29.04
N ASN E 52 23.05 33.47 -27.71
CA ASN E 52 23.66 34.53 -26.91
C ASN E 52 23.03 35.90 -27.06
N ARG E 53 21.80 35.96 -27.59
CA ARG E 53 21.09 37.23 -27.75
C ARG E 53 20.02 37.30 -26.64
N PRO E 54 19.49 38.50 -26.34
CA PRO E 54 18.42 38.66 -25.31
C PRO E 54 17.22 37.76 -25.61
N LEU E 55 16.61 37.14 -24.60
CA LEU E 55 15.33 36.51 -24.79
C LEU E 55 14.26 37.61 -24.76
N ILE E 56 13.27 37.49 -25.62
CA ILE E 56 12.10 38.36 -25.59
C ILE E 56 11.02 37.60 -24.77
N GLY E 57 10.83 38.06 -23.54
CA GLY E 57 9.92 37.45 -22.54
C GLY E 57 8.53 38.01 -22.68
N ARG E 58 7.55 37.46 -21.98
CA ARG E 58 6.20 37.99 -22.07
C ARG E 58 6.05 39.31 -21.29
N GLY E 59 5.05 40.12 -21.61
CA GLY E 59 4.95 41.38 -20.87
C GLY E 59 5.90 42.45 -21.35
N GLY E 60 6.31 42.31 -22.60
CA GLY E 60 7.10 43.36 -23.23
C GLY E 60 8.47 43.53 -22.61
N ILE E 61 9.11 42.46 -22.19
CA ILE E 61 10.49 42.60 -21.65
C ILE E 61 11.55 41.93 -22.55
N SER E 62 12.81 42.32 -22.37
CA SER E 62 13.93 41.56 -22.94
C SER E 62 14.87 41.21 -21.80
N VAL E 63 15.46 40.06 -21.94
CA VAL E 63 16.25 39.48 -20.87
C VAL E 63 17.66 39.25 -21.46
N GLN E 64 18.59 40.06 -20.97
CA GLN E 64 19.93 40.19 -21.57
C GLN E 64 20.93 39.32 -20.77
N PRO E 65 21.46 38.29 -21.43
CA PRO E 65 22.45 37.50 -20.67
C PRO E 65 23.82 38.15 -20.75
N THR E 66 24.73 37.79 -19.83
CA THR E 66 26.01 38.46 -19.78
C THR E 66 27.19 37.49 -19.92
N ALA E 67 26.91 36.29 -20.39
CA ALA E 67 27.98 35.34 -20.78
C ALA E 67 27.46 34.60 -22.00
N GLN E 68 28.40 34.10 -22.80
CA GLN E 68 28.08 33.22 -23.88
C GLN E 68 28.21 31.77 -23.41
N TRP E 69 27.37 30.91 -23.97
CA TRP E 69 27.40 29.50 -23.55
C TRP E 69 28.71 28.85 -23.95
N GLN E 70 29.26 29.27 -25.08
CA GLN E 70 30.58 28.80 -25.59
C GLN E 70 31.73 29.05 -24.63
N SER E 71 31.58 29.99 -23.71
CA SER E 71 32.65 30.29 -22.77
C SER E 71 32.75 29.28 -21.62
N PHE E 72 31.79 28.36 -21.52
CA PHE E 72 31.78 27.41 -20.40
C PHE E 72 32.30 26.06 -20.86
N ASP E 73 33.51 25.75 -20.44
CA ASP E 73 34.20 24.50 -20.78
C ASP E 73 33.84 23.43 -19.77
N PHE E 74 33.28 23.83 -18.63
CA PHE E 74 32.87 22.87 -17.64
C PHE E 74 31.84 23.50 -16.72
N THR E 75 31.09 22.67 -15.98
CA THR E 75 30.15 23.18 -15.01
C THR E 75 29.77 22.04 -14.11
N ASN E 76 29.42 22.37 -12.87
CA ASN E 76 28.96 21.35 -11.96
C ASN E 76 27.56 20.87 -12.34
N ILE E 77 26.73 21.83 -12.75
CA ILE E 77 25.33 21.52 -13.11
C ILE E 77 24.93 22.31 -14.36
N LEU E 78 24.31 21.65 -15.31
CA LEU E 78 23.74 22.39 -16.45
C LEU E 78 22.22 22.20 -16.43
N ILE E 79 21.46 23.31 -16.46
CA ILE E 79 19.99 23.21 -16.48
C ILE E 79 19.52 23.57 -17.86
N ILE E 80 18.68 22.71 -18.43
CA ILE E 80 18.15 23.00 -19.76
C ILE E 80 16.69 23.31 -19.57
N GLY E 81 16.25 24.52 -19.90
CA GLY E 81 14.83 24.84 -19.67
C GLY E 81 13.91 24.37 -20.79
N SER E 82 12.68 24.82 -20.70
CA SER E 82 11.67 24.52 -21.69
C SER E 82 12.08 24.96 -23.11
N ILE E 83 11.69 24.18 -24.11
CA ILE E 83 11.88 24.65 -25.49
C ILE E 83 10.48 25.02 -26.00
N GLY E 84 9.52 25.22 -25.08
CA GLY E 84 8.15 25.46 -25.58
C GLY E 84 7.69 24.26 -26.42
N ASP E 85 7.14 24.52 -27.62
CA ASP E 85 6.63 23.45 -28.48
C ASP E 85 7.77 22.79 -29.25
N PRO E 86 8.09 21.52 -28.92
CA PRO E 86 9.21 20.87 -29.55
C PRO E 86 8.96 20.66 -31.02
N LEU E 87 7.69 20.60 -31.44
CA LEU E 87 7.43 20.39 -32.88
C LEU E 87 8.02 21.55 -33.70
N GLU E 88 8.06 22.74 -33.10
CA GLU E 88 8.62 23.92 -33.76
C GLU E 88 10.11 24.09 -33.46
N SER E 89 10.50 23.91 -32.19
CA SER E 89 11.83 24.39 -31.72
C SER E 89 12.95 23.35 -31.76
N LEU E 90 12.60 22.07 -31.59
CA LEU E 90 13.64 21.05 -31.38
C LEU E 90 14.69 20.99 -32.54
N ASP E 91 14.21 20.96 -33.77
CA ASP E 91 15.11 20.83 -34.92
C ASP E 91 15.78 22.14 -35.29
N LYS E 92 15.33 23.25 -34.69
CA LYS E 92 15.95 24.54 -34.92
C LYS E 92 17.06 24.89 -33.91
N ILE E 93 17.29 24.05 -32.92
CA ILE E 93 18.39 24.26 -31.96
C ILE E 93 19.70 23.96 -32.65
N ASP E 94 20.63 24.90 -32.53
CA ASP E 94 22.01 24.74 -33.00
C ASP E 94 22.59 23.39 -32.62
N PRO E 95 22.95 22.60 -33.63
CA PRO E 95 23.58 21.31 -33.41
C PRO E 95 24.81 21.43 -32.51
N ALA E 96 25.47 22.59 -32.51
CA ALA E 96 26.67 22.69 -31.67
C ALA E 96 26.32 22.68 -30.20
N LEU E 97 25.08 23.06 -29.89
CA LEU E 97 24.62 22.98 -28.50
C LEU E 97 24.45 21.56 -27.96
N PHE E 98 23.96 20.63 -28.79
CA PHE E 98 23.94 19.20 -28.39
C PHE E 98 25.35 18.66 -28.15
N ASP E 99 26.32 19.04 -29.01
CA ASP E 99 27.77 18.69 -28.75
C ASP E 99 28.21 19.15 -27.37
N TRP E 100 27.91 20.42 -27.06
CA TRP E 100 28.26 21.06 -25.76
C TRP E 100 27.67 20.29 -24.56
N ILE E 101 26.37 20.01 -24.63
CA ILE E 101 25.68 19.27 -23.59
C ILE E 101 26.33 17.90 -23.38
N ARG E 102 26.62 17.23 -24.50
CA ARG E 102 27.26 15.88 -24.43
C ARG E 102 28.65 15.98 -23.77
N GLU E 103 29.42 16.98 -24.22
CA GLU E 103 30.75 17.24 -23.67
C GLU E 103 30.75 17.55 -22.19
N LEU E 104 29.86 18.44 -21.72
CA LEU E 104 29.77 18.65 -20.29
C LEU E 104 29.33 17.38 -19.54
N HIS E 105 28.39 16.64 -20.12
CA HIS E 105 27.93 15.42 -19.45
C HIS E 105 29.12 14.43 -19.30
N LEU E 106 29.87 14.28 -20.39
CA LEU E 106 31.06 13.38 -20.39
C LEU E 106 32.06 13.78 -19.30
N LYS E 107 32.18 15.09 -19.06
CA LYS E 107 33.15 15.61 -18.08
C LYS E 107 32.57 15.55 -16.71
N GLY E 108 31.37 14.99 -16.57
CA GLY E 108 30.84 14.81 -15.23
C GLY E 108 29.77 15.78 -14.77
N SER E 109 29.35 16.75 -15.60
CA SER E 109 28.30 17.69 -15.10
C SER E 109 26.98 16.97 -14.81
N LYS E 110 26.25 17.39 -13.76
CA LYS E 110 24.82 17.01 -13.65
C LYS E 110 24.02 17.77 -14.70
N ILE E 111 23.13 17.05 -15.38
CA ILE E 111 22.33 17.66 -16.42
C ILE E 111 20.89 17.58 -15.97
N VAL E 112 20.24 18.74 -15.87
CA VAL E 112 18.88 18.79 -15.32
C VAL E 112 18.00 19.35 -16.43
N ALA E 113 16.96 18.59 -16.83
CA ALA E 113 16.15 19.02 -17.95
C ALA E 113 14.76 19.26 -17.45
N ILE E 114 14.19 20.44 -17.72
CA ILE E 114 12.90 20.73 -17.20
C ILE E 114 11.83 20.91 -18.31
N ASP E 115 10.63 20.45 -18.06
CA ASP E 115 9.53 20.61 -19.02
C ASP E 115 10.02 20.04 -20.36
N THR E 116 9.85 20.78 -21.47
CA THR E 116 10.18 20.15 -22.77
C THR E 116 11.67 20.16 -23.03
N GLY E 117 12.48 20.78 -22.11
CA GLY E 117 13.95 20.57 -22.20
C GLY E 117 14.27 19.09 -22.10
N ILE E 118 13.35 18.30 -21.58
CA ILE E 118 13.57 16.82 -21.57
C ILE E 118 13.75 16.28 -23.00
N PHE E 119 13.06 16.89 -23.97
CA PHE E 119 13.29 16.50 -25.42
C PHE E 119 14.75 16.69 -25.87
N VAL E 120 15.36 17.78 -25.41
CA VAL E 120 16.75 18.08 -25.73
C VAL E 120 17.68 16.96 -25.23
N VAL E 121 17.56 16.59 -23.97
CA VAL E 121 18.51 15.55 -23.45
C VAL E 121 18.25 14.19 -24.09
N ALA E 122 16.97 13.89 -24.35
CA ALA E 122 16.61 12.69 -25.12
C ALA E 122 17.31 12.66 -26.48
N LYS E 123 17.14 13.74 -27.29
CA LYS E 123 17.82 13.88 -28.56
C LYS E 123 19.33 13.83 -28.41
N ALA E 124 19.87 14.34 -27.32
CA ALA E 124 21.32 14.41 -27.15
C ALA E 124 21.93 12.99 -26.85
N GLY E 125 21.08 12.02 -26.55
CA GLY E 125 21.52 10.64 -26.31
C GLY E 125 21.94 10.38 -24.86
N LEU E 126 21.47 11.20 -23.92
CA LEU E 126 21.93 11.14 -22.54
C LEU E 126 21.16 10.15 -21.67
N LEU E 127 20.02 9.66 -22.16
CA LEU E 127 19.23 8.74 -21.35
C LEU E 127 19.72 7.29 -21.61
N GLN E 128 20.88 6.95 -21.05
CA GLN E 128 21.44 5.59 -21.12
C GLN E 128 20.48 4.50 -20.64
N GLN E 129 19.64 4.74 -19.62
CA GLN E 129 18.66 3.69 -19.27
C GLN E 129 17.41 3.66 -20.16
N ASN E 130 17.35 4.51 -21.17
CA ASN E 130 16.12 4.55 -22.02
C ASN E 130 14.82 4.66 -21.28
N LYS E 131 14.77 5.46 -20.23
CA LYS E 131 13.46 5.77 -19.64
C LYS E 131 13.33 7.28 -19.60
N ALA E 132 12.09 7.77 -19.64
CA ALA E 132 11.87 9.22 -19.51
C ALA E 132 10.55 9.47 -18.85
N VAL E 133 10.25 10.73 -18.57
CA VAL E 133 8.92 11.17 -18.10
C VAL E 133 8.50 12.32 -19.01
N MET E 134 7.19 12.54 -19.12
CA MET E 134 6.73 13.71 -19.94
C MET E 134 5.25 13.91 -19.63
N HIS E 135 4.79 15.16 -19.70
CA HIS E 135 3.35 15.46 -19.57
C HIS E 135 2.54 14.62 -20.55
N SER E 136 1.32 14.28 -20.18
CA SER E 136 0.54 13.45 -21.05
C SER E 136 0.32 14.15 -22.40
N TYR E 137 0.11 15.46 -22.40
CA TYR E 137 -0.19 16.08 -23.69
C TYR E 137 0.95 16.09 -24.72
N PHE E 138 2.20 16.01 -24.24
CA PHE E 138 3.36 15.82 -25.11
C PHE E 138 3.85 14.37 -25.23
N ALA E 139 3.21 13.43 -24.53
CA ALA E 139 3.69 12.06 -24.47
C ALA E 139 3.79 11.41 -25.85
N HIS E 140 2.74 11.57 -26.68
CA HIS E 140 2.68 10.98 -28.00
C HIS E 140 3.75 11.57 -28.92
N LEU E 141 3.93 12.90 -28.90
CA LEU E 141 4.97 13.50 -29.75
C LEU E 141 6.35 12.92 -29.36
N PHE E 142 6.60 12.88 -28.07
CA PHE E 142 7.84 12.29 -27.57
C PHE E 142 8.02 10.85 -28.05
N GLY E 143 6.97 10.05 -27.96
CA GLY E 143 7.03 8.67 -28.44
C GLY E 143 7.29 8.53 -29.92
N GLU E 144 6.81 9.49 -30.72
CA GLU E 144 7.09 9.49 -32.15
C GLU E 144 8.54 9.85 -32.47
N LEU E 145 9.10 10.82 -31.75
CA LEU E 145 10.47 11.21 -31.94
C LEU E 145 11.49 10.21 -31.38
N PHE E 146 11.15 9.56 -30.28
CA PHE E 146 12.08 8.71 -29.55
C PHE E 146 11.44 7.35 -29.24
N PRO E 147 11.13 6.56 -30.30
CA PRO E 147 10.40 5.27 -30.13
C PRO E 147 11.10 4.32 -29.18
N GLU E 148 12.43 4.43 -29.10
CA GLU E 148 13.24 3.56 -28.24
C GLU E 148 13.23 3.89 -26.74
N ILE E 149 12.72 5.06 -26.37
CA ILE E 149 12.73 5.40 -24.97
C ILE E 149 11.37 5.02 -24.39
N MET E 150 11.33 4.41 -23.21
CA MET E 150 10.06 4.08 -22.57
C MET E 150 9.63 5.23 -21.65
N LEU E 151 8.39 5.73 -21.84
CA LEU E 151 7.84 6.75 -20.96
C LEU E 151 7.14 6.21 -19.75
N MET E 152 7.53 6.74 -18.60
CA MET E 152 6.90 6.34 -17.38
C MET E 152 5.62 7.16 -17.29
N THR E 153 4.60 6.67 -16.59
CA THR E 153 3.27 7.25 -16.74
C THR E 153 2.77 8.12 -15.61
N GLU E 154 2.78 7.67 -14.38
CA GLU E 154 2.29 8.62 -13.38
C GLU E 154 3.48 9.09 -12.60
N GLN E 155 4.39 9.81 -13.27
CA GLN E 155 5.67 10.11 -12.69
C GLN E 155 6.14 11.47 -13.21
N LYS E 156 6.42 12.39 -12.33
CA LYS E 156 6.81 13.69 -12.86
C LYS E 156 8.32 13.92 -12.87
N ALA E 157 9.09 13.11 -12.14
CA ALA E 157 10.54 13.32 -12.17
C ALA E 157 11.25 12.00 -12.26
N LEU E 158 12.45 11.99 -12.83
CA LEU E 158 13.21 10.72 -12.94
C LEU E 158 14.72 11.06 -12.97
N ILE E 159 15.55 10.20 -12.42
CA ILE E 159 16.99 10.42 -12.46
C ILE E 159 17.59 9.23 -13.17
N ASP E 160 18.37 9.51 -14.18
CA ASP E 160 19.17 8.47 -14.84
C ASP E 160 20.64 8.83 -14.72
N GLY E 161 21.37 8.22 -13.74
CA GLY E 161 22.78 8.50 -13.62
C GLY E 161 23.03 9.96 -13.18
N ASN E 162 23.66 10.77 -14.03
CA ASN E 162 23.85 12.21 -13.73
C ASN E 162 22.82 13.15 -14.41
N VAL E 163 21.76 12.54 -14.99
CA VAL E 163 20.71 13.29 -15.71
C VAL E 163 19.44 13.27 -14.89
N TYR E 164 18.89 14.45 -14.64
CA TYR E 164 17.70 14.56 -13.82
C TYR E 164 16.62 15.18 -14.73
N LEU E 165 15.46 14.56 -14.76
CA LEU E 165 14.34 15.07 -15.61
C LEU E 165 13.20 15.53 -14.71
N SER E 166 12.59 16.68 -15.01
CA SER E 166 11.45 17.14 -14.20
C SER E 166 10.42 17.82 -15.16
N SER E 167 9.25 17.20 -15.37
CA SER E 167 8.22 17.78 -16.27
C SER E 167 7.67 19.17 -15.86
N GLY E 168 7.37 19.32 -14.57
CA GLY E 168 6.83 20.67 -14.15
C GLY E 168 5.38 20.87 -14.62
N PRO E 169 5.10 21.94 -15.44
CA PRO E 169 6.13 22.80 -16.06
C PRO E 169 6.76 23.77 -15.12
N TYR E 170 6.13 23.98 -13.96
CA TYR E 170 6.59 24.97 -12.98
C TYR E 170 7.00 24.43 -11.63
N SER E 171 6.60 23.21 -11.31
CA SER E 171 6.84 22.66 -10.00
C SER E 171 8.03 21.69 -10.04
N HIS E 172 9.21 22.17 -9.66
CA HIS E 172 10.45 21.37 -9.80
C HIS E 172 11.15 21.13 -8.44
N SER E 173 10.35 21.22 -7.37
CA SER E 173 10.79 20.98 -5.99
C SER E 173 11.65 19.76 -5.81
N SER E 174 11.10 18.62 -6.15
CA SER E 174 11.77 17.40 -5.80
C SER E 174 13.19 17.32 -6.41
N VAL E 175 13.32 17.67 -7.69
CA VAL E 175 14.62 17.67 -8.30
C VAL E 175 15.57 18.76 -7.72
N MET E 176 15.02 19.95 -7.55
CA MET E 176 15.84 21.05 -6.99
C MET E 176 16.26 20.70 -5.56
N LEU E 177 15.37 20.09 -4.79
CA LEU E 177 15.70 19.73 -3.40
C LEU E 177 16.75 18.58 -3.38
N GLU E 178 16.66 17.64 -4.33
CA GLU E 178 17.72 16.63 -4.49
C GLU E 178 19.07 17.30 -4.68
N ILE E 179 19.14 18.24 -5.63
CA ILE E 179 20.40 18.94 -5.90
C ILE E 179 20.87 19.67 -4.64
N VAL E 180 19.96 20.37 -3.99
CA VAL E 180 20.32 21.11 -2.78
C VAL E 180 20.96 20.20 -1.71
N GLU E 181 20.36 19.04 -1.50
CA GLU E 181 20.85 18.10 -0.51
C GLU E 181 22.23 17.63 -0.91
N GLU E 182 22.39 17.27 -2.16
CA GLU E 182 23.65 16.77 -2.62
C GLU E 182 24.84 17.72 -2.48
N TYR E 183 24.61 19.02 -2.64
CA TYR E 183 25.68 19.98 -2.73
C TYR E 183 25.83 20.82 -1.48
N PHE E 184 24.76 20.93 -0.69
CA PHE E 184 24.72 21.75 0.54
C PHE E 184 24.30 20.96 1.81
N GLY E 185 23.86 19.71 1.67
CA GLY E 185 23.53 18.86 2.84
C GLY E 185 22.06 18.85 3.28
N LYS E 186 21.68 17.83 4.05
CA LYS E 186 20.26 17.60 4.45
C LYS E 186 19.59 18.72 5.27
N HIS E 187 20.38 19.42 6.08
CA HIS E 187 19.88 20.50 6.91
C HIS E 187 19.24 21.61 6.05
N THR E 188 20.06 22.14 5.14
CA THR E 188 19.60 23.16 4.24
C THR E 188 18.48 22.60 3.37
N ARG E 189 18.60 21.32 2.99
CA ARG E 189 17.51 20.70 2.26
C ARG E 189 16.19 20.75 3.02
N ASN E 190 16.24 20.40 4.31
CA ASN E 190 15.06 20.45 5.18
C ASN E 190 14.48 21.86 5.29
N LEU E 191 15.35 22.86 5.26
CA LEU E 191 14.90 24.26 5.36
C LEU E 191 14.03 24.59 4.14
N GLY E 192 14.59 24.42 2.93
CA GLY E 192 13.86 24.65 1.69
C GLY E 192 12.66 23.72 1.56
N ASN E 193 12.80 22.50 2.06
CA ASN E 193 11.69 21.58 2.00
C ASN E 193 10.51 22.08 2.80
N GLN E 194 10.75 22.97 3.77
CA GLN E 194 9.64 23.58 4.46
C GLN E 194 9.04 24.61 3.52
N PHE E 195 9.79 25.68 3.27
CA PHE E 195 9.33 26.76 2.39
C PHE E 195 8.64 26.25 1.11
N LEU E 196 9.24 25.26 0.45
CA LEU E 196 8.67 24.73 -0.79
C LEU E 196 7.67 23.60 -0.53
N SER E 197 6.89 23.70 0.55
CA SER E 197 5.97 22.60 0.96
C SER E 197 6.74 21.31 1.21
N LYS F 7 -13.54 42.69 -25.75
CA LYS F 7 -12.67 42.48 -26.94
C LYS F 7 -11.15 42.70 -26.67
N ASN F 8 -10.80 43.47 -25.62
CA ASN F 8 -9.41 43.65 -25.20
C ASN F 8 -9.24 43.52 -23.66
N LEU F 9 -8.12 42.94 -23.23
CA LEU F 9 -7.87 42.74 -21.79
C LEU F 9 -6.42 43.08 -21.54
N ARG F 10 -6.20 43.81 -20.45
CA ARG F 10 -4.89 44.27 -20.07
C ARG F 10 -4.51 43.69 -18.76
N VAL F 11 -3.28 43.20 -18.68
CA VAL F 11 -2.66 42.77 -17.40
C VAL F 11 -1.38 43.62 -17.19
N VAL F 12 -1.22 44.21 -16.01
CA VAL F 12 -0.01 44.93 -15.70
C VAL F 12 0.58 44.14 -14.52
N ALA F 13 1.87 43.82 -14.61
CA ALA F 13 2.52 43.00 -13.62
C ALA F 13 3.72 43.77 -13.05
N LEU F 14 3.58 44.14 -11.79
CA LEU F 14 4.60 44.90 -11.08
C LEU F 14 5.58 43.92 -10.42
N ALA F 15 6.85 44.03 -10.80
CA ALA F 15 7.91 43.16 -10.33
C ALA F 15 8.87 43.98 -9.50
N PRO F 16 8.68 43.97 -8.16
CA PRO F 16 9.49 44.82 -7.33
C PRO F 16 10.96 44.48 -7.25
N THR F 17 11.34 43.23 -7.39
CA THR F 17 12.77 42.90 -7.26
C THR F 17 13.24 41.79 -8.22
N GLY F 18 14.42 41.97 -8.81
CA GLY F 18 15.10 40.89 -9.51
C GLY F 18 15.53 39.68 -8.70
N ARG F 19 15.62 39.82 -7.37
CA ARG F 19 15.91 38.66 -6.55
C ARG F 19 14.85 37.55 -6.68
N TYR F 20 13.59 37.93 -6.85
CA TYR F 20 12.48 36.95 -6.89
C TYR F 20 11.44 37.51 -7.87
N PHE F 21 11.67 37.29 -9.18
CA PHE F 21 10.71 37.74 -10.17
C PHE F 21 10.16 36.59 -11.01
N ALA F 22 10.71 35.39 -10.83
CA ALA F 22 10.22 34.19 -11.53
C ALA F 22 8.69 34.01 -11.48
N SER F 23 8.12 34.19 -10.29
CA SER F 23 6.70 33.94 -10.11
C SER F 23 5.82 34.96 -10.86
N ILE F 24 6.30 36.19 -11.06
CA ILE F 24 5.64 37.12 -12.00
C ILE F 24 5.65 36.59 -13.44
N ILE F 25 6.79 36.13 -13.91
CA ILE F 25 6.89 35.59 -15.28
C ILE F 25 6.01 34.38 -15.47
N SER F 26 6.08 33.45 -14.54
CA SER F 26 5.21 32.26 -14.64
C SER F 26 3.75 32.63 -14.67
N SER F 27 3.35 33.64 -13.88
CA SER F 27 1.93 34.08 -13.88
C SER F 27 1.54 34.56 -15.30
N LEU F 28 2.42 35.33 -15.95
CA LEU F 28 2.15 35.79 -17.32
C LEU F 28 2.14 34.63 -18.32
N GLU F 29 3.05 33.68 -18.14
CA GLU F 29 3.07 32.49 -18.99
C GLU F 29 1.73 31.76 -18.90
N ILE F 30 1.26 31.57 -17.67
CA ILE F 30 0.01 30.87 -17.48
C ILE F 30 -1.14 31.67 -18.11
N LEU F 31 -1.23 32.96 -17.81
CA LEU F 31 -2.41 33.73 -18.28
C LEU F 31 -2.43 33.88 -19.81
N GLU F 32 -1.27 34.09 -20.41
CA GLU F 32 -1.21 34.21 -21.85
C GLU F 32 -1.46 32.85 -22.54
N THR F 33 -0.94 31.76 -21.97
CA THR F 33 -1.21 30.43 -22.51
C THR F 33 -2.75 30.16 -22.47
N ALA F 34 -3.39 30.59 -21.40
CA ALA F 34 -4.81 30.47 -21.29
C ALA F 34 -5.55 31.25 -22.40
N ALA F 35 -5.11 32.50 -22.62
CA ALA F 35 -5.71 33.38 -23.62
C ALA F 35 -5.57 32.68 -24.99
N GLU F 36 -4.42 32.02 -25.24
CA GLU F 36 -4.27 31.24 -26.50
CA GLU F 36 -4.22 31.24 -26.47
C GLU F 36 -5.22 30.05 -26.56
N PHE F 37 -5.40 29.33 -25.46
CA PHE F 37 -6.38 28.21 -25.44
C PHE F 37 -7.76 28.70 -25.76
N ALA F 38 -8.04 29.92 -25.30
CA ALA F 38 -9.32 30.55 -25.48
C ALA F 38 -9.47 31.12 -26.88
N GLU F 39 -8.41 31.16 -27.66
CA GLU F 39 -8.44 31.83 -28.95
C GLU F 39 -8.83 33.31 -28.83
N PHE F 40 -8.38 33.95 -27.76
CA PHE F 40 -8.68 35.34 -27.52
C PHE F 40 -7.55 36.21 -28.03
N GLN F 41 -7.86 37.13 -28.93
CA GLN F 41 -6.83 37.90 -29.66
C GLN F 41 -6.40 39.23 -29.01
N GLY F 42 -7.19 39.79 -28.07
CA GLY F 42 -6.83 41.12 -27.54
C GLY F 42 -6.22 41.13 -26.14
N PHE F 43 -5.46 40.11 -25.80
CA PHE F 43 -4.91 40.01 -24.45
C PHE F 43 -3.53 40.64 -24.49
N MET F 44 -3.25 41.65 -23.65
CA MET F 44 -1.95 42.32 -23.69
C MET F 44 -1.36 42.32 -22.28
N THR F 45 -0.10 42.00 -22.11
CA THR F 45 0.43 42.09 -20.73
C THR F 45 1.66 43.00 -20.69
N HIS F 46 1.97 43.52 -19.48
CA HIS F 46 3.02 44.54 -19.36
C HIS F 46 3.70 44.39 -18.03
N VAL F 47 4.97 44.02 -18.08
CA VAL F 47 5.80 44.01 -16.85
C VAL F 47 6.27 45.46 -16.56
N VAL F 48 6.18 45.91 -15.30
CA VAL F 48 6.65 47.23 -14.94
C VAL F 48 7.39 47.04 -13.59
N THR F 49 8.34 47.95 -13.30
CA THR F 49 9.11 47.94 -12.04
C THR F 49 8.85 49.28 -11.28
N PRO F 50 9.03 49.26 -9.94
CA PRO F 50 8.56 50.37 -9.14
C PRO F 50 9.25 51.67 -9.47
N ASN F 51 10.53 51.60 -9.86
CA ASN F 51 11.26 52.79 -10.25
C ASN F 51 11.44 52.83 -11.78
N ASN F 52 10.79 51.92 -12.49
CA ASN F 52 10.93 51.87 -13.98
C ASN F 52 12.36 51.65 -14.47
N ARG F 53 13.19 51.05 -13.64
CA ARG F 53 14.53 50.66 -14.06
C ARG F 53 14.52 49.15 -14.31
N PRO F 54 15.56 48.62 -15.01
CA PRO F 54 15.63 47.17 -15.28
C PRO F 54 15.73 46.40 -13.95
N LEU F 55 15.32 45.13 -13.96
CA LEU F 55 15.51 44.20 -12.86
C LEU F 55 16.88 43.54 -13.03
N ILE F 56 17.63 43.40 -11.95
CA ILE F 56 18.85 42.62 -12.04
C ILE F 56 18.53 41.24 -11.47
N GLY F 57 18.43 40.25 -12.35
CA GLY F 57 17.99 38.91 -11.98
C GLY F 57 19.16 38.01 -11.60
N ARG F 58 18.84 36.78 -11.19
CA ARG F 58 19.88 35.79 -10.91
C ARG F 58 20.62 35.39 -12.19
N GLY F 59 21.87 34.89 -12.03
CA GLY F 59 22.58 34.27 -13.17
C GLY F 59 23.05 35.32 -14.16
N GLY F 60 23.22 36.55 -13.65
CA GLY F 60 23.84 37.67 -14.45
C GLY F 60 22.95 38.21 -15.58
N ILE F 61 21.64 38.22 -15.39
CA ILE F 61 20.73 38.83 -16.38
C ILE F 61 20.23 40.18 -15.93
N SER F 62 19.89 40.99 -16.93
CA SER F 62 19.21 42.25 -16.73
C SER F 62 17.85 42.15 -17.50
N VAL F 63 16.80 42.70 -16.93
CA VAL F 63 15.46 42.61 -17.56
C VAL F 63 14.93 44.01 -17.76
N GLN F 64 14.82 44.37 -19.01
CA GLN F 64 14.41 45.71 -19.45
C GLN F 64 12.92 45.74 -19.84
N PRO F 65 12.10 46.46 -19.03
CA PRO F 65 10.68 46.62 -19.36
C PRO F 65 10.54 47.62 -20.49
N THR F 66 9.35 47.71 -21.08
CA THR F 66 9.08 48.67 -22.14
C THR F 66 7.83 49.50 -21.85
N ALA F 67 7.44 49.57 -20.56
CA ALA F 67 6.42 50.56 -20.16
C ALA F 67 6.74 50.98 -18.77
N GLN F 68 6.33 52.19 -18.38
CA GLN F 68 6.45 52.65 -17.00
C GLN F 68 5.09 52.49 -16.32
N TRP F 69 5.09 52.29 -15.00
CA TRP F 69 3.81 52.04 -14.35
C TRP F 69 2.89 53.28 -14.47
N GLN F 70 3.49 54.47 -14.50
CA GLN F 70 2.67 55.69 -14.58
C GLN F 70 1.91 55.82 -15.87
N SER F 71 2.29 55.07 -16.90
CA SER F 71 1.58 55.11 -18.19
C SER F 71 0.23 54.40 -18.15
N PHE F 72 -0.07 53.72 -17.04
CA PHE F 72 -1.32 53.00 -16.98
C PHE F 72 -2.34 53.65 -16.02
N ASP F 73 -3.40 54.17 -16.64
CA ASP F 73 -4.56 54.76 -15.99
C ASP F 73 -5.64 53.72 -15.60
N PHE F 74 -5.65 52.57 -16.28
CA PHE F 74 -6.54 51.48 -15.93
C PHE F 74 -5.90 50.15 -16.30
N THR F 75 -6.40 49.08 -15.70
CA THR F 75 -6.02 47.72 -16.11
C THR F 75 -7.10 46.75 -15.64
N ASN F 76 -7.29 45.68 -16.40
CA ASN F 76 -8.22 44.62 -16.00
C ASN F 76 -7.69 43.88 -14.81
N ILE F 77 -6.37 43.59 -14.82
CA ILE F 77 -5.72 42.87 -13.74
C ILE F 77 -4.38 43.54 -13.44
N LEU F 78 -4.09 43.76 -12.15
CA LEU F 78 -2.75 44.16 -11.71
C LEU F 78 -2.17 43.04 -10.87
N ILE F 79 -1.00 42.54 -11.25
CA ILE F 79 -0.31 41.53 -10.44
C ILE F 79 0.83 42.19 -9.67
N ILE F 80 0.91 41.97 -8.36
CA ILE F 80 2.03 42.50 -7.55
C ILE F 80 2.90 41.33 -7.13
N GLY F 81 4.15 41.35 -7.57
CA GLY F 81 5.09 40.22 -7.30
C GLY F 81 5.81 40.30 -5.95
N SER F 82 6.74 39.38 -5.69
CA SER F 82 7.57 39.38 -4.50
C SER F 82 8.35 40.67 -4.28
N ILE F 83 8.48 41.04 -3.03
CA ILE F 83 9.42 42.07 -2.64
C ILE F 83 10.58 41.45 -1.85
N GLY F 84 10.73 40.14 -1.92
CA GLY F 84 11.74 39.38 -1.14
C GLY F 84 11.43 39.60 0.32
N ASP F 85 12.44 39.99 1.09
CA ASP F 85 12.28 40.22 2.54
C ASP F 85 11.68 41.59 2.83
N PRO F 86 10.44 41.61 3.33
CA PRO F 86 9.69 42.83 3.55
C PRO F 86 10.40 43.75 4.54
N LEU F 87 11.23 43.18 5.43
CA LEU F 87 11.97 44.02 6.39
C LEU F 87 12.93 44.91 5.63
N GLU F 88 13.49 44.38 4.55
CA GLU F 88 14.41 45.19 3.71
C GLU F 88 13.78 46.13 2.67
N SER F 89 12.62 45.74 2.14
CA SER F 89 12.10 46.40 0.93
C SER F 89 10.83 47.20 1.13
N LEU F 90 10.02 46.79 2.08
CA LEU F 90 8.63 47.28 2.09
C LEU F 90 8.57 48.79 2.27
N ASP F 91 9.40 49.30 3.17
CA ASP F 91 9.38 50.74 3.44
C ASP F 91 10.09 51.55 2.39
N LYS F 92 10.74 50.85 1.47
CA LYS F 92 11.49 51.49 0.38
C LYS F 92 10.59 51.86 -0.79
N ILE F 93 9.41 51.24 -0.85
CA ILE F 93 8.49 51.45 -1.98
C ILE F 93 7.87 52.86 -2.05
N ASP F 94 7.93 53.42 -3.23
CA ASP F 94 7.45 54.75 -3.50
C ASP F 94 5.99 54.91 -3.08
N PRO F 95 5.70 55.91 -2.20
CA PRO F 95 4.31 56.12 -1.73
C PRO F 95 3.32 56.25 -2.87
N ALA F 96 3.73 56.90 -3.95
CA ALA F 96 2.86 57.13 -5.09
C ALA F 96 2.35 55.82 -5.69
N LEU F 97 3.06 54.72 -5.42
CA LEU F 97 2.72 53.44 -6.03
C LEU F 97 1.54 52.91 -5.27
N PHE F 98 1.51 53.14 -3.97
CA PHE F 98 0.37 52.75 -3.17
C PHE F 98 -0.90 53.44 -3.59
N ASP F 99 -0.83 54.74 -3.92
CA ASP F 99 -2.00 55.46 -4.44
C ASP F 99 -2.47 54.86 -5.75
N TRP F 100 -1.51 54.52 -6.61
CA TRP F 100 -1.81 53.97 -7.95
C TRP F 100 -2.53 52.66 -7.80
N ILE F 101 -2.04 51.75 -6.94
CA ILE F 101 -2.72 50.51 -6.70
C ILE F 101 -4.17 50.70 -6.18
N ARG F 102 -4.33 51.63 -5.22
CA ARG F 102 -5.66 51.90 -4.64
C ARG F 102 -6.60 52.46 -5.67
N GLU F 103 -6.15 53.44 -6.43
CA GLU F 103 -6.98 54.02 -7.50
C GLU F 103 -7.42 52.93 -8.54
N LEU F 104 -6.49 52.09 -8.97
CA LEU F 104 -6.84 51.06 -9.97
C LEU F 104 -7.96 50.15 -9.42
N HIS F 105 -7.84 49.78 -8.15
CA HIS F 105 -8.82 48.84 -7.57
C HIS F 105 -10.18 49.55 -7.51
N LEU F 106 -10.17 50.82 -7.12
CA LEU F 106 -11.46 51.60 -7.11
C LEU F 106 -12.06 51.73 -8.49
N LYS F 107 -11.21 51.66 -9.51
CA LYS F 107 -11.70 51.69 -10.91
C LYS F 107 -12.18 50.33 -11.39
N GLY F 108 -12.02 49.30 -10.56
CA GLY F 108 -12.51 47.96 -10.86
C GLY F 108 -11.45 46.92 -11.30
N SER F 109 -10.17 47.27 -11.20
CA SER F 109 -9.11 46.26 -11.50
C SER F 109 -9.10 45.15 -10.48
N LYS F 110 -8.88 43.92 -10.92
CA LYS F 110 -8.51 42.89 -9.97
C LYS F 110 -7.06 43.14 -9.51
N ILE F 111 -6.81 42.90 -8.21
CA ILE F 111 -5.48 43.09 -7.63
C ILE F 111 -5.03 41.74 -7.18
N VAL F 112 -3.92 41.27 -7.72
CA VAL F 112 -3.49 39.91 -7.45
C VAL F 112 -2.09 39.95 -6.85
N ALA F 113 -1.93 39.53 -5.60
CA ALA F 113 -0.66 39.64 -4.91
C ALA F 113 -0.11 38.28 -4.65
N ILE F 114 1.16 38.09 -5.00
CA ILE F 114 1.77 36.78 -4.85
C ILE F 114 3.04 36.83 -3.97
N ASP F 115 3.30 35.77 -3.21
CA ASP F 115 4.47 35.77 -2.35
C ASP F 115 4.40 37.05 -1.49
N THR F 116 5.53 37.65 -1.19
CA THR F 116 5.51 38.83 -0.30
C THR F 116 4.92 40.09 -0.91
N GLY F 117 4.53 40.01 -2.18
CA GLY F 117 3.73 41.10 -2.71
C GLY F 117 2.45 41.29 -1.86
N ILE F 118 2.06 40.24 -1.13
CA ILE F 118 0.87 40.28 -0.24
C ILE F 118 1.09 41.37 0.86
N PHE F 119 2.36 41.59 1.26
CA PHE F 119 2.73 42.65 2.20
C PHE F 119 2.51 44.03 1.62
N VAL F 120 2.59 44.17 0.29
CA VAL F 120 2.31 45.44 -0.38
C VAL F 120 0.81 45.77 -0.34
N VAL F 121 -0.01 44.78 -0.56
CA VAL F 121 -1.48 44.95 -0.46
C VAL F 121 -1.88 45.37 0.99
N ALA F 122 -1.28 44.69 1.96
CA ALA F 122 -1.49 45.01 3.39
C ALA F 122 -1.11 46.45 3.64
N LYS F 123 0.09 46.84 3.22
CA LYS F 123 0.46 48.22 3.40
C LYS F 123 -0.45 49.19 2.63
N ALA F 124 -1.00 48.78 1.50
CA ALA F 124 -1.85 49.72 0.73
C ALA F 124 -3.24 49.78 1.38
N GLY F 125 -3.51 48.91 2.35
CA GLY F 125 -4.81 48.93 3.05
C GLY F 125 -5.86 48.10 2.32
N LEU F 126 -5.44 47.15 1.51
CA LEU F 126 -6.38 46.38 0.66
C LEU F 126 -6.72 44.98 1.15
N LEU F 127 -6.42 44.65 2.39
CA LEU F 127 -6.83 43.36 2.95
C LEU F 127 -8.25 43.61 3.43
N GLN F 128 -9.18 43.53 2.48
CA GLN F 128 -10.58 43.94 2.64
C GLN F 128 -11.15 43.42 3.95
N GLN F 129 -10.80 42.21 4.36
CA GLN F 129 -11.47 41.61 5.53
C GLN F 129 -10.51 41.42 6.70
N ASN F 130 -9.48 42.24 6.74
CA ASN F 130 -8.31 42.00 7.58
C ASN F 130 -7.93 40.55 7.72
N LYS F 131 -7.95 39.82 6.62
CA LYS F 131 -7.38 38.50 6.57
C LYS F 131 -6.23 38.46 5.54
N ALA F 132 -5.31 37.51 5.69
CA ALA F 132 -4.19 37.36 4.73
C ALA F 132 -3.75 35.95 4.79
N VAL F 133 -2.92 35.55 3.84
CA VAL F 133 -2.24 34.26 3.90
C VAL F 133 -0.75 34.54 3.72
N MET F 134 0.13 33.65 4.18
CA MET F 134 1.57 33.83 3.95
C MET F 134 2.29 32.51 4.20
N HIS F 135 3.37 32.26 3.46
CA HIS F 135 4.09 31.00 3.59
C HIS F 135 4.89 30.99 4.87
N SER F 136 5.42 29.80 5.16
CA SER F 136 6.09 29.50 6.41
C SER F 136 7.30 30.37 6.66
N TYR F 137 8.05 30.70 5.59
CA TYR F 137 9.29 31.46 5.82
C TYR F 137 9.05 32.87 6.37
N PHE F 138 7.99 33.53 5.90
CA PHE F 138 7.70 34.92 6.33
C PHE F 138 6.40 35.10 7.11
N ALA F 139 5.66 34.02 7.37
CA ALA F 139 4.35 34.16 8.06
C ALA F 139 4.46 34.98 9.34
N HIS F 140 5.58 34.77 10.05
CA HIS F 140 5.78 35.44 11.35
C HIS F 140 5.84 36.97 11.21
N LEU F 141 6.24 37.46 10.03
CA LEU F 141 6.37 38.93 9.82
C LEU F 141 5.04 39.66 9.78
N PHE F 142 3.95 38.94 9.54
CA PHE F 142 2.64 39.58 9.64
C PHE F 142 2.30 39.96 11.08
N GLY F 143 2.58 39.04 12.00
CA GLY F 143 2.47 39.33 13.43
C GLY F 143 3.31 40.56 13.78
N GLU F 144 4.52 40.66 13.23
CA GLU F 144 5.40 41.82 13.50
C GLU F 144 4.86 43.13 12.93
N LEU F 145 4.49 43.09 11.64
CA LEU F 145 4.20 44.28 10.86
C LEU F 145 2.71 44.67 10.80
N PHE F 146 1.83 43.67 10.85
CA PHE F 146 0.40 43.92 10.70
C PHE F 146 -0.34 43.07 11.72
N PRO F 147 -0.13 43.38 13.02
CA PRO F 147 -0.66 42.60 14.15
C PRO F 147 -2.20 42.43 14.10
N GLU F 148 -2.87 43.43 13.55
CA GLU F 148 -4.31 43.40 13.40
C GLU F 148 -4.83 42.35 12.37
N ILE F 149 -3.96 41.88 11.50
CA ILE F 149 -4.42 40.94 10.46
C ILE F 149 -4.51 39.52 10.97
N MET F 150 -5.54 38.80 10.57
CA MET F 150 -5.61 37.37 10.92
C MET F 150 -5.11 36.49 9.79
N LEU F 151 -4.05 35.74 10.04
CA LEU F 151 -3.55 34.78 9.03
C LEU F 151 -4.40 33.52 8.94
N MET F 152 -4.88 33.21 7.75
CA MET F 152 -5.58 31.96 7.54
C MET F 152 -4.54 30.86 7.33
N THR F 153 -4.17 30.27 8.47
CA THR F 153 -3.08 29.30 8.58
C THR F 153 -3.26 28.02 7.76
N GLU F 154 -4.51 27.65 7.44
CA GLU F 154 -4.71 26.46 6.61
C GLU F 154 -5.04 26.72 5.17
N GLN F 155 -4.55 27.85 4.64
CA GLN F 155 -4.89 28.21 3.29
C GLN F 155 -3.72 28.86 2.61
N LYS F 156 -3.54 28.60 1.32
CA LYS F 156 -2.48 29.22 0.54
C LYS F 156 -3.02 30.36 -0.34
N ALA F 157 -4.34 30.41 -0.53
CA ALA F 157 -4.95 31.45 -1.37
C ALA F 157 -6.15 32.02 -0.63
N LEU F 158 -6.46 33.27 -0.93
CA LEU F 158 -7.62 33.93 -0.40
C LEU F 158 -8.12 34.95 -1.43
N ILE F 159 -9.43 34.94 -1.72
CA ILE F 159 -10.01 35.83 -2.73
C ILE F 159 -11.25 36.58 -2.22
N ASP F 160 -11.26 37.91 -2.25
CA ASP F 160 -12.45 38.67 -1.80
C ASP F 160 -12.41 40.10 -2.30
N GLY F 161 -13.56 40.58 -2.78
CA GLY F 161 -13.68 41.95 -3.19
C GLY F 161 -12.64 42.37 -4.23
N ASN F 162 -12.43 41.48 -5.19
CA ASN F 162 -11.56 41.71 -6.33
C ASN F 162 -10.04 41.71 -5.99
N VAL F 163 -9.71 41.26 -4.78
CA VAL F 163 -8.32 41.16 -4.32
C VAL F 163 -8.02 39.71 -4.11
N TYR F 164 -6.94 39.24 -4.77
CA TYR F 164 -6.58 37.80 -4.83
C TYR F 164 -5.21 37.63 -4.20
N LEU F 165 -5.09 36.78 -3.20
CA LEU F 165 -3.81 36.55 -2.51
C LEU F 165 -3.39 35.12 -2.70
N SER F 166 -2.11 34.94 -3.00
CA SER F 166 -1.53 33.66 -3.17
C SER F 166 -0.15 33.55 -2.50
N SER F 167 -0.04 32.75 -1.44
CA SER F 167 1.26 32.55 -0.70
C SER F 167 2.48 32.08 -1.55
N GLY F 168 2.29 31.03 -2.35
CA GLY F 168 3.42 30.49 -3.14
C GLY F 168 4.51 29.88 -2.26
N PRO F 169 5.80 30.25 -2.46
CA PRO F 169 6.37 31.30 -3.31
C PRO F 169 6.14 31.12 -4.80
N TYR F 170 6.00 29.87 -5.25
CA TYR F 170 6.00 29.55 -6.65
C TYR F 170 4.73 28.92 -7.21
N SER F 171 3.93 28.34 -6.34
CA SER F 171 2.71 27.68 -6.85
C SER F 171 1.54 28.66 -6.70
N HIS F 172 1.08 29.21 -7.81
CA HIS F 172 -0.04 30.18 -7.82
C HIS F 172 -1.20 29.73 -8.72
N SER F 173 -1.26 28.42 -9.00
CA SER F 173 -2.31 27.78 -9.83
C SER F 173 -3.71 28.18 -9.41
N SER F 174 -4.00 28.11 -8.11
CA SER F 174 -5.35 28.32 -7.64
C SER F 174 -5.91 29.67 -8.05
N VAL F 175 -5.16 30.74 -7.75
CA VAL F 175 -5.63 32.06 -8.04
C VAL F 175 -5.58 32.30 -9.56
N MET F 176 -4.52 31.88 -10.25
CA MET F 176 -4.43 32.18 -11.70
C MET F 176 -5.54 31.47 -12.47
N LEU F 177 -5.81 30.20 -12.07
CA LEU F 177 -6.87 29.41 -12.74
C LEU F 177 -8.24 29.99 -12.41
N GLU F 178 -8.42 30.50 -11.19
CA GLU F 178 -9.69 31.18 -10.89
C GLU F 178 -9.89 32.37 -11.85
N ILE F 179 -8.85 33.17 -12.03
CA ILE F 179 -8.94 34.30 -12.98
C ILE F 179 -9.19 33.86 -14.44
N VAL F 180 -8.49 32.82 -14.84
CA VAL F 180 -8.73 32.24 -16.17
C VAL F 180 -10.21 31.82 -16.32
N GLU F 181 -10.76 31.19 -15.30
CA GLU F 181 -12.21 30.81 -15.43
C GLU F 181 -13.14 32.02 -15.55
N GLU F 182 -12.91 33.04 -14.73
CA GLU F 182 -13.74 34.26 -14.80
C GLU F 182 -13.69 34.89 -16.14
N TYR F 183 -12.52 34.99 -16.76
CA TYR F 183 -12.47 35.66 -18.08
C TYR F 183 -12.80 34.78 -19.27
N PHE F 184 -12.37 33.51 -19.21
CA PHE F 184 -12.42 32.69 -20.38
C PHE F 184 -13.32 31.46 -20.27
N GLY F 185 -13.77 31.11 -19.07
CA GLY F 185 -14.74 30.01 -18.90
C GLY F 185 -14.14 28.71 -18.42
N LYS F 186 -14.99 27.74 -18.11
CA LYS F 186 -14.51 26.54 -17.42
C LYS F 186 -13.59 25.67 -18.33
N HIS F 187 -13.92 25.50 -19.60
CA HIS F 187 -13.03 24.66 -20.47
C HIS F 187 -11.62 25.26 -20.50
N THR F 188 -11.54 26.57 -20.64
CA THR F 188 -10.17 27.20 -20.76
C THR F 188 -9.41 26.96 -19.45
N ARG F 189 -10.14 27.05 -18.35
CA ARG F 189 -9.54 26.82 -17.02
C ARG F 189 -9.05 25.37 -16.95
N ASN F 190 -9.88 24.44 -17.45
CA ASN F 190 -9.54 23.02 -17.39
C ASN F 190 -8.35 22.74 -18.31
N LEU F 191 -8.29 23.40 -19.46
CA LEU F 191 -7.13 23.26 -20.34
C LEU F 191 -5.86 23.80 -19.60
N GLY F 192 -6.01 24.92 -18.91
CA GLY F 192 -4.90 25.46 -18.10
C GLY F 192 -4.48 24.50 -17.01
N ASN F 193 -5.43 24.00 -16.25
CA ASN F 193 -5.16 22.99 -15.23
C ASN F 193 -4.41 21.75 -15.79
N GLN F 194 -4.82 21.32 -16.97
CA GLN F 194 -4.18 20.17 -17.63
C GLN F 194 -2.74 20.54 -18.03
N PHE F 195 -2.60 21.69 -18.66
CA PHE F 195 -1.27 22.25 -19.04
C PHE F 195 -0.34 22.21 -17.84
N LEU F 196 -0.87 22.64 -16.71
CA LEU F 196 -0.07 22.71 -15.47
C LEU F 196 0.33 21.32 -14.95
N SER F 197 -0.34 20.28 -15.46
CA SER F 197 -0.15 18.90 -15.00
C SER F 197 -0.19 18.79 -13.46
N THR F 198 -1.22 19.40 -12.86
CA THR F 198 -1.31 19.48 -11.40
C THR F 198 -1.84 18.17 -10.83
#